data_2CKE
#
_entry.id   2CKE
#
_cell.length_a   55.210
_cell.length_b   60.480
_cell.length_c   99.280
_cell.angle_alpha   92.09
_cell.angle_beta   103.39
_cell.angle_gamma   94.16
#
_symmetry.space_group_name_H-M   'P 1'
#
loop_
_entity.id
_entity.type
_entity.pdbx_description
1 polymer 'DEATH-ASSOCIATED PROTEIN KINASE 2'
2 non-polymer N-(2-AMINOETHYL)ISOQUINOLINE-5-SULFONAMIDE
3 water water
#
_entity_poly.entity_id   1
_entity_poly.type   'polypeptide(L)'
_entity_poly.pdbx_seq_one_letter_code
;GMEPFKQQKVEDFYDIGEELGSGQFAIVKKCREKSTGLEYAAKFIKKRQSRASRRGVSREEIEREVSILRQVLHHNVITL
HDVYENRTDVVLILELVSGGELFDFLAQKESLSEEEATSFIKQILDGVNYLHTKKIAHFDLKPENIMLLDKNIPIPHIKL
IDFGLAHEIEDGVEFKNIFGTPEFVAPEIVNYEPLGLEADMWSIGVITYILLSGASPFLGDTKQETLANITSVSYDFDEE
FFSHTSELAKDFIRKLLVKETRKRLTIQEALRHPWITPVDNQQAMVRRESVVNLENFRKQYVRRRWKLSFSIVSLCNHLT
R
;
_entity_poly.pdbx_strand_id   A,B,C,D
#
loop_
_chem_comp.id
_chem_comp.type
_chem_comp.name
_chem_comp.formula
IQU non-polymer N-(2-AMINOETHYL)ISOQUINOLINE-5-SULFONAMIDE 'C11 H13 N3 O2 S'
#
# COMPACT_ATOMS: atom_id res chain seq x y z
N MET A 2 -34.47 14.13 -12.79
CA MET A 2 -34.29 14.51 -11.36
C MET A 2 -33.76 15.95 -11.28
N GLU A 3 -34.57 16.85 -10.71
CA GLU A 3 -34.23 18.27 -10.64
C GLU A 3 -32.85 18.47 -9.99
N PRO A 4 -32.00 19.35 -10.56
CA PRO A 4 -30.68 19.55 -10.00
C PRO A 4 -30.66 20.69 -8.98
N PHE A 5 -29.75 20.62 -8.03
CA PHE A 5 -29.65 21.66 -7.01
C PHE A 5 -28.92 22.86 -7.59
N LYS A 6 -29.41 24.05 -7.26
CA LYS A 6 -28.79 25.29 -7.72
C LYS A 6 -27.41 25.45 -7.10
N GLN A 7 -26.43 25.81 -7.93
CA GLN A 7 -25.03 25.83 -7.52
C GLN A 7 -24.56 27.22 -7.12
N GLN A 8 -25.42 28.22 -7.30
CA GLN A 8 -25.08 29.59 -6.94
C GLN A 8 -24.96 29.69 -5.43
N LYS A 9 -24.37 30.79 -4.97
CA LYS A 9 -24.24 31.05 -3.55
C LYS A 9 -25.57 31.58 -3.02
N VAL A 10 -26.10 30.94 -1.99
CA VAL A 10 -27.44 31.27 -1.49
C VAL A 10 -27.53 32.74 -1.03
N GLU A 11 -26.43 33.23 -0.45
CA GLU A 11 -26.37 34.61 0.05
C GLU A 11 -26.41 35.67 -1.07
N ASP A 12 -26.13 35.28 -2.31
CA ASP A 12 -26.29 36.18 -3.46
C ASP A 12 -27.76 36.34 -3.87
N PHE A 13 -28.63 35.44 -3.39
CA PHE A 13 -30.06 35.50 -3.69
C PHE A 13 -30.96 35.75 -2.49
N TYR A 14 -30.47 35.41 -1.29
CA TYR A 14 -31.22 35.58 -0.05
C TYR A 14 -30.48 36.46 0.96
N ASP A 15 -31.25 37.22 1.75
CA ASP A 15 -30.74 37.86 2.96
C ASP A 15 -30.93 36.86 4.09
N ILE A 16 -29.83 36.37 4.65
CA ILE A 16 -29.92 35.43 5.78
C ILE A 16 -30.04 36.24 7.07
N GLY A 17 -30.89 35.75 7.98
CA GLY A 17 -31.19 36.46 9.23
C GLY A 17 -31.05 35.58 10.46
N GLU A 18 -31.95 35.77 11.41
CA GLU A 18 -31.86 35.13 12.72
C GLU A 18 -31.90 33.60 12.66
N GLU A 19 -31.21 32.96 13.61
CA GLU A 19 -31.24 31.50 13.73
C GLU A 19 -32.58 31.07 14.31
N LEU A 20 -33.26 30.16 13.61
CA LEU A 20 -34.54 29.63 14.07
C LEU A 20 -34.32 28.42 14.96
N GLY A 21 -33.42 27.54 14.54
CA GLY A 21 -33.09 26.36 15.31
C GLY A 21 -31.87 25.64 14.76
N SER A 22 -31.41 24.64 15.49
CA SER A 22 -30.26 23.82 15.09
C SER A 22 -30.53 22.37 15.50
N GLY A 23 -29.54 21.50 15.31
CA GLY A 23 -29.69 20.10 15.72
C GLY A 23 -28.86 19.09 14.95
N GLN A 24 -27.73 18.72 15.54
CA GLN A 24 -26.89 17.62 15.04
C GLN A 24 -26.12 17.99 13.76
N PHE A 25 -26.81 18.00 12.63
CA PHE A 25 -26.16 18.21 11.34
C PHE A 25 -26.86 19.25 10.46
N ALA A 26 -27.73 20.05 11.05
CA ALA A 26 -28.47 21.06 10.31
C ALA A 26 -28.74 22.29 11.17
N ILE A 27 -28.47 23.46 10.61
CA ILE A 27 -28.81 24.72 11.24
C ILE A 27 -29.85 25.43 10.35
N VAL A 28 -30.97 25.83 10.95
CA VAL A 28 -32.06 26.46 10.22
C VAL A 28 -32.10 27.97 10.48
N LYS A 29 -31.81 28.76 9.44
CA LYS A 29 -31.78 30.21 9.56
C LYS A 29 -32.95 30.84 8.80
N LYS A 30 -33.45 31.96 9.32
CA LYS A 30 -34.56 32.70 8.70
C LYS A 30 -34.02 33.52 7.55
N CYS A 31 -34.66 33.42 6.39
CA CYS A 31 -34.16 34.10 5.19
C CYS A 31 -35.27 34.81 4.42
N ARG A 32 -34.85 35.62 3.44
CA ARG A 32 -35.75 36.35 2.56
C ARG A 32 -35.12 36.42 1.17
N GLU A 33 -35.87 36.01 0.16
CA GLU A 33 -35.43 36.07 -1.23
C GLU A 33 -35.41 37.52 -1.67
N LYS A 34 -34.30 37.94 -2.26
CA LYS A 34 -34.11 39.34 -2.62
C LYS A 34 -35.03 39.76 -3.76
N SER A 35 -35.26 38.85 -4.72
CA SER A 35 -36.06 39.17 -5.90
C SER A 35 -37.54 39.36 -5.58
N THR A 36 -38.11 38.43 -4.81
CA THR A 36 -39.55 38.45 -4.49
C THR A 36 -39.86 39.18 -3.18
N GLY A 37 -38.90 39.19 -2.26
CA GLY A 37 -39.09 39.84 -0.96
C GLY A 37 -39.86 39.01 0.04
N LEU A 38 -40.20 37.78 -0.34
CA LEU A 38 -40.97 36.88 0.51
C LEU A 38 -40.05 36.07 1.43
N GLU A 39 -40.52 35.81 2.65
CA GLU A 39 -39.71 35.20 3.70
C GLU A 39 -39.81 33.68 3.64
N TYR A 40 -38.71 33.01 4.02
CA TYR A 40 -38.63 31.55 4.06
C TYR A 40 -37.71 31.14 5.22
N ALA A 41 -37.54 29.83 5.41
CA ALA A 41 -36.56 29.32 6.38
C ALA A 41 -35.53 28.48 5.64
N ALA A 42 -34.25 28.71 5.92
CA ALA A 42 -33.16 28.08 5.18
C ALA A 42 -32.44 27.03 6.01
N LYS A 43 -32.63 25.76 5.66
CA LYS A 43 -32.06 24.64 6.40
C LYS A 43 -30.72 24.22 5.79
N PHE A 44 -29.63 24.57 6.46
CA PHE A 44 -28.28 24.23 6.02
C PHE A 44 -27.92 22.84 6.53
N ILE A 45 -27.85 21.86 5.63
CA ILE A 45 -27.46 20.51 6.00
C ILE A 45 -25.98 20.30 5.67
N LYS A 46 -25.17 19.95 6.67
CA LYS A 46 -23.73 19.72 6.46
C LYS A 46 -23.50 18.35 5.80
N LYS A 47 -22.80 18.33 4.67
CA LYS A 47 -22.52 17.10 3.94
C LYS A 47 -21.36 16.34 4.59
N ARG A 48 -21.32 15.03 4.38
CA ARG A 48 -20.22 14.21 4.87
C ARG A 48 -18.96 14.44 4.06
N GLN A 49 -17.81 14.22 4.70
CA GLN A 49 -16.51 14.33 4.04
C GLN A 49 -16.27 13.14 3.09
N SER A 50 -16.50 11.92 3.61
CA SER A 50 -16.37 10.69 2.80
C SER A 50 -17.48 9.69 3.13
N ARG A 51 -17.24 8.78 4.09
CA ARG A 51 -18.25 7.80 4.49
C ARG A 51 -18.17 7.39 5.97
N ALA A 52 -16.95 7.14 6.45
CA ALA A 52 -16.72 6.92 7.88
C ALA A 52 -16.98 8.22 8.63
N SER A 53 -16.52 9.31 8.02
CA SER A 53 -16.78 10.69 8.47
C SER A 53 -17.90 10.81 9.50
N ARG A 54 -17.52 11.13 10.74
CA ARG A 54 -18.47 11.28 11.84
C ARG A 54 -19.39 12.49 11.66
N ARG A 55 -18.86 13.54 11.01
CA ARG A 55 -19.64 14.73 10.68
C ARG A 55 -20.35 14.56 9.34
N GLY A 56 -21.57 15.09 9.24
CA GLY A 56 -22.29 15.22 7.97
C GLY A 56 -23.37 14.19 7.69
N VAL A 57 -24.25 14.55 6.76
CA VAL A 57 -25.27 13.64 6.23
C VAL A 57 -24.81 13.17 4.85
N SER A 58 -25.14 11.92 4.49
CA SER A 58 -24.74 11.36 3.21
C SER A 58 -25.54 11.99 2.07
N ARG A 59 -25.03 11.84 0.84
CA ARG A 59 -25.73 12.33 -0.34
C ARG A 59 -27.10 11.67 -0.47
N GLU A 60 -27.15 10.35 -0.35
CA GLU A 60 -28.42 9.61 -0.45
C GLU A 60 -29.47 10.20 0.49
N GLU A 61 -29.14 10.30 1.77
CA GLU A 61 -30.09 10.73 2.80
C GLU A 61 -30.58 12.17 2.59
N ILE A 62 -29.75 13.00 1.97
CA ILE A 62 -30.18 14.35 1.59
C ILE A 62 -31.10 14.27 0.37
N GLU A 63 -30.69 13.48 -0.61
CA GLU A 63 -31.48 13.29 -1.83
C GLU A 63 -32.84 12.63 -1.55
N ARG A 64 -32.85 11.73 -0.58
CA ARG A 64 -34.10 11.10 -0.14
C ARG A 64 -35.04 12.14 0.43
N GLU A 65 -34.55 12.95 1.36
CA GLU A 65 -35.36 13.97 2.01
C GLU A 65 -35.95 14.94 1.01
N VAL A 66 -35.11 15.41 0.09
CA VAL A 66 -35.54 16.36 -0.94
C VAL A 66 -36.57 15.71 -1.85
N SER A 67 -36.28 14.49 -2.30
CA SER A 67 -37.22 13.71 -3.10
C SER A 67 -38.60 13.65 -2.45
N ILE A 68 -38.63 13.35 -1.16
CA ILE A 68 -39.88 13.26 -0.41
C ILE A 68 -40.53 14.64 -0.27
N LEU A 69 -39.75 15.63 0.11
CA LEU A 69 -40.28 16.99 0.28
C LEU A 69 -40.89 17.55 -1.01
N ARG A 70 -40.31 17.17 -2.15
CA ARG A 70 -40.77 17.68 -3.45
C ARG A 70 -42.15 17.12 -3.85
N GLN A 71 -42.51 15.98 -3.28
CA GLN A 71 -43.80 15.34 -3.56
C GLN A 71 -44.96 15.96 -2.77
N VAL A 72 -44.66 16.55 -1.62
CA VAL A 72 -45.70 16.87 -0.66
C VAL A 72 -46.21 18.32 -0.77
N LEU A 73 -47.48 18.45 -1.15
CA LEU A 73 -48.23 19.72 -1.06
C LEU A 73 -49.49 19.51 -0.22
N HIS A 74 -49.41 19.83 1.07
CA HIS A 74 -50.57 19.74 1.96
C HIS A 74 -50.52 20.86 2.99
N HIS A 75 -51.69 21.27 3.48
CA HIS A 75 -51.78 22.42 4.38
C HIS A 75 -51.23 22.17 5.78
N ASN A 76 -51.09 20.89 6.15
CA ASN A 76 -50.54 20.52 7.45
C ASN A 76 -49.11 19.98 7.37
N VAL A 77 -48.48 20.20 6.21
CA VAL A 77 -47.11 19.75 5.95
C VAL A 77 -46.30 20.91 5.40
N ILE A 78 -45.05 21.02 5.85
CA ILE A 78 -44.14 22.05 5.35
C ILE A 78 -43.89 21.83 3.86
N THR A 79 -43.78 22.93 3.11
CA THR A 79 -43.63 22.87 1.66
C THR A 79 -42.27 23.42 1.23
N LEU A 80 -41.63 22.74 0.28
CA LEU A 80 -40.31 23.10 -0.21
C LEU A 80 -40.42 24.19 -1.27
N HIS A 81 -39.50 25.14 -1.26
CA HIS A 81 -39.49 26.23 -2.22
C HIS A 81 -38.37 26.04 -3.23
N ASP A 82 -37.17 25.75 -2.75
CA ASP A 82 -35.98 25.62 -3.60
C ASP A 82 -34.82 24.93 -2.87
N VAL A 83 -33.86 24.42 -3.64
CA VAL A 83 -32.69 23.75 -3.08
C VAL A 83 -31.39 24.29 -3.69
N TYR A 84 -30.48 24.73 -2.82
CA TYR A 84 -29.15 25.21 -3.23
C TYR A 84 -28.06 24.26 -2.75
N GLU A 85 -26.84 24.46 -3.24
CA GLU A 85 -25.73 23.63 -2.82
C GLU A 85 -24.38 24.29 -3.07
N ASN A 86 -23.50 24.20 -2.08
CA ASN A 86 -22.11 24.62 -2.21
C ASN A 86 -21.22 23.43 -1.86
N ARG A 87 -19.92 23.67 -1.69
CA ARG A 87 -18.98 22.60 -1.37
C ARG A 87 -19.18 21.93 -0.01
N THR A 88 -19.72 22.67 0.97
CA THR A 88 -19.86 22.14 2.35
C THR A 88 -21.30 21.76 2.73
N ASP A 89 -22.26 22.57 2.33
CA ASP A 89 -23.67 22.42 2.74
C ASP A 89 -24.61 22.23 1.54
N VAL A 90 -25.71 21.51 1.77
CA VAL A 90 -26.85 21.49 0.87
C VAL A 90 -27.97 22.24 1.60
N VAL A 91 -28.39 23.37 1.04
CA VAL A 91 -29.31 24.27 1.73
C VAL A 91 -30.74 24.14 1.21
N LEU A 92 -31.64 23.72 2.08
CA LEU A 92 -33.06 23.62 1.75
C LEU A 92 -33.79 24.89 2.14
N ILE A 93 -34.37 25.57 1.14
CA ILE A 93 -35.21 26.74 1.37
C ILE A 93 -36.67 26.31 1.52
N LEU A 94 -37.17 26.34 2.75
CA LEU A 94 -38.51 25.82 3.08
C LEU A 94 -39.48 26.93 3.52
N GLU A 95 -40.77 26.63 3.46
CA GLU A 95 -41.81 27.51 3.99
C GLU A 95 -41.45 27.97 5.40
N LEU A 96 -41.65 29.26 5.68
CA LEU A 96 -41.37 29.80 7.01
C LEU A 96 -42.57 29.57 7.92
N VAL A 97 -42.40 28.70 8.91
CA VAL A 97 -43.41 28.46 9.93
C VAL A 97 -42.91 29.10 11.23
N SER A 98 -43.49 30.25 11.57
CA SER A 98 -42.95 31.08 12.65
C SER A 98 -43.85 31.12 13.89
N GLY A 99 -44.75 30.14 14.03
CA GLY A 99 -45.66 30.10 15.18
C GLY A 99 -45.13 29.29 16.35
N GLY A 100 -43.91 28.79 16.24
CA GLY A 100 -43.31 27.99 17.30
C GLY A 100 -43.89 26.59 17.37
N GLU A 101 -43.63 25.91 18.47
CA GLU A 101 -44.14 24.55 18.70
C GLU A 101 -45.59 24.60 19.22
N LEU A 102 -46.36 23.58 18.85
CA LEU A 102 -47.74 23.44 19.30
C LEU A 102 -47.86 23.50 20.82
N PHE A 103 -46.99 22.76 21.50
CA PHE A 103 -47.03 22.67 22.96
C PHE A 103 -46.74 24.01 23.64
N ASP A 104 -45.83 24.79 23.08
CA ASP A 104 -45.54 26.12 23.63
C ASP A 104 -46.80 27.00 23.61
N PHE A 105 -47.57 26.92 22.53
CA PHE A 105 -48.81 27.68 22.42
C PHE A 105 -49.86 27.16 23.40
N LEU A 106 -49.98 25.84 23.51
CA LEU A 106 -50.91 25.23 24.47
C LEU A 106 -50.58 25.59 25.92
N ALA A 107 -49.29 25.71 26.20
CA ALA A 107 -48.82 25.98 27.56
C ALA A 107 -49.16 27.39 28.06
N GLN A 108 -49.74 28.22 27.19
CA GLN A 108 -50.08 29.60 27.55
C GLN A 108 -51.59 29.84 27.65
N LYS A 109 -52.38 28.80 27.37
CA LYS A 109 -53.83 28.92 27.38
C LYS A 109 -54.38 28.92 28.79
N GLU A 110 -55.49 29.62 28.99
CA GLU A 110 -56.18 29.63 30.28
C GLU A 110 -56.93 28.32 30.52
N SER A 111 -57.44 27.71 29.44
CA SER A 111 -58.11 26.41 29.50
C SER A 111 -58.06 25.71 28.16
N LEU A 112 -58.36 24.41 28.15
CA LEU A 112 -58.30 23.60 26.92
C LEU A 112 -59.19 22.36 27.03
N SER A 113 -60.30 22.37 26.30
CA SER A 113 -61.20 21.21 26.28
C SER A 113 -60.62 20.12 25.39
N GLU A 114 -61.17 18.92 25.53
CA GLU A 114 -60.75 17.81 24.68
C GLU A 114 -61.20 18.05 23.23
N GLU A 115 -62.26 18.84 23.05
CA GLU A 115 -62.68 19.26 21.71
C GLU A 115 -61.59 20.10 21.07
N GLU A 116 -61.11 21.12 21.78
CA GLU A 116 -59.98 21.94 21.33
C GLU A 116 -58.74 21.07 21.12
N ALA A 117 -58.53 20.11 22.02
CA ALA A 117 -57.41 19.17 21.88
C ALA A 117 -57.51 18.36 20.59
N THR A 118 -58.69 17.80 20.30
CA THR A 118 -58.87 16.95 19.12
C THR A 118 -58.75 17.74 17.82
N SER A 119 -59.06 19.04 17.85
CA SER A 119 -58.85 19.89 16.68
C SER A 119 -57.40 19.83 16.24
N PHE A 120 -56.49 20.09 17.18
CA PHE A 120 -55.06 20.09 16.90
C PHE A 120 -54.57 18.69 16.53
N ILE A 121 -55.04 17.67 17.24
CA ILE A 121 -54.68 16.30 16.92
C ILE A 121 -55.19 15.89 15.55
N LYS A 122 -56.39 16.33 15.20
CA LYS A 122 -56.99 16.00 13.90
C LYS A 122 -56.22 16.62 12.74
N GLN A 123 -55.63 17.80 12.97
CA GLN A 123 -54.78 18.42 11.97
C GLN A 123 -53.55 17.56 11.74
N ILE A 124 -52.95 17.07 12.83
CA ILE A 124 -51.78 16.20 12.74
C ILE A 124 -52.14 14.92 11.99
N LEU A 125 -53.33 14.39 12.28
CA LEU A 125 -53.83 13.19 11.62
C LEU A 125 -54.07 13.42 10.12
N ASP A 126 -54.67 14.56 9.78
CA ASP A 126 -54.90 14.91 8.38
C ASP A 126 -53.58 14.90 7.63
N GLY A 127 -52.58 15.57 8.19
CA GLY A 127 -51.25 15.63 7.62
C GLY A 127 -50.62 14.26 7.44
N VAL A 128 -50.69 13.43 8.47
CA VAL A 128 -50.09 12.09 8.39
C VAL A 128 -50.86 11.19 7.40
N ASN A 129 -52.17 11.39 7.30
CA ASN A 129 -52.98 10.65 6.32
C ASN A 129 -52.52 10.91 4.89
N TYR A 130 -52.24 12.17 4.58
CA TYR A 130 -51.78 12.54 3.25
C TYR A 130 -50.47 11.83 2.96
N LEU A 131 -49.54 11.89 3.91
CA LEU A 131 -48.27 11.20 3.80
C LEU A 131 -48.48 9.70 3.61
N HIS A 132 -49.31 9.10 4.45
CA HIS A 132 -49.52 7.65 4.43
C HIS A 132 -50.19 7.17 3.16
N THR A 133 -51.17 7.94 2.66
CA THR A 133 -51.79 7.64 1.38
C THR A 133 -50.71 7.57 0.29
N LYS A 134 -49.70 8.43 0.40
CA LYS A 134 -48.54 8.42 -0.51
C LYS A 134 -47.44 7.42 -0.10
N LYS A 135 -47.73 6.56 0.88
CA LYS A 135 -46.78 5.56 1.35
C LYS A 135 -45.48 6.19 1.84
N ILE A 136 -45.63 7.31 2.55
CA ILE A 136 -44.51 8.02 3.16
C ILE A 136 -44.66 7.95 4.67
N ALA A 137 -43.74 7.25 5.32
CA ALA A 137 -43.62 7.27 6.78
C ALA A 137 -42.78 8.47 7.18
N HIS A 138 -43.20 9.17 8.25
CA HIS A 138 -42.47 10.32 8.75
C HIS A 138 -41.30 9.89 9.65
N PHE A 139 -41.58 8.97 10.58
CA PHE A 139 -40.56 8.35 11.43
C PHE A 139 -39.88 9.28 12.43
N ASP A 140 -40.41 10.48 12.60
CA ASP A 140 -39.90 11.39 13.62
C ASP A 140 -40.99 12.31 14.15
N LEU A 141 -42.19 11.75 14.32
CA LEU A 141 -43.30 12.50 14.90
C LEU A 141 -43.08 12.68 16.40
N LYS A 142 -42.94 13.94 16.80
CA LYS A 142 -42.74 14.31 18.20
C LYS A 142 -43.08 15.80 18.36
N PRO A 143 -43.42 16.24 19.59
CA PRO A 143 -43.94 17.59 19.83
C PRO A 143 -43.15 18.75 19.19
N GLU A 144 -41.82 18.70 19.25
CA GLU A 144 -41.00 19.76 18.65
C GLU A 144 -41.09 19.78 17.11
N ASN A 145 -41.56 18.68 16.52
CA ASN A 145 -41.80 18.63 15.07
C ASN A 145 -43.22 19.01 14.66
N ILE A 146 -44.08 19.34 15.63
CA ILE A 146 -45.43 19.85 15.36
C ILE A 146 -45.44 21.37 15.57
N MET A 147 -45.24 22.14 14.49
CA MET A 147 -45.13 23.60 14.58
C MET A 147 -46.47 24.28 14.21
N LEU A 148 -46.54 25.58 14.45
CA LEU A 148 -47.74 26.37 14.13
C LEU A 148 -47.39 27.50 13.17
N LEU A 149 -48.33 27.89 12.32
CA LEU A 149 -48.11 29.02 11.42
C LEU A 149 -48.17 30.35 12.18
N ASP A 150 -49.38 30.76 12.54
CA ASP A 150 -49.59 32.03 13.24
C ASP A 150 -50.33 31.75 14.55
N LYS A 151 -49.61 31.91 15.67
CA LYS A 151 -50.20 31.67 16.99
C LYS A 151 -51.24 32.73 17.39
N ASN A 152 -51.20 33.89 16.75
CA ASN A 152 -52.07 35.01 17.12
C ASN A 152 -53.55 34.87 16.68
N ILE A 153 -53.86 33.80 15.96
CA ILE A 153 -55.24 33.48 15.59
C ILE A 153 -55.86 32.53 16.62
N PRO A 154 -57.20 32.34 16.59
CA PRO A 154 -57.84 31.57 17.65
C PRO A 154 -57.46 30.09 17.63
N ILE A 155 -57.54 29.47 16.46
CA ILE A 155 -57.16 28.07 16.30
C ILE A 155 -56.00 28.00 15.29
N PRO A 156 -54.75 28.06 15.78
CA PRO A 156 -53.57 27.99 14.93
C PRO A 156 -53.53 26.75 14.05
N HIS A 157 -52.85 26.86 12.91
CA HIS A 157 -52.79 25.80 11.93
C HIS A 157 -51.45 25.08 12.01
N ILE A 158 -51.52 23.76 12.20
CA ILE A 158 -50.35 22.92 12.45
C ILE A 158 -49.62 22.57 11.16
N LYS A 159 -48.30 22.56 11.21
CA LYS A 159 -47.47 22.14 10.08
C LYS A 159 -46.43 21.15 10.56
N LEU A 160 -46.43 19.96 9.97
CA LEU A 160 -45.42 18.95 10.26
C LEU A 160 -44.11 19.33 9.57
N ILE A 161 -42.98 19.21 10.28
CA ILE A 161 -41.68 19.60 9.73
C ILE A 161 -40.63 18.50 9.91
N ASP A 162 -39.46 18.72 9.33
CA ASP A 162 -38.30 17.82 9.48
C ASP A 162 -38.58 16.40 9.02
N PHE A 163 -38.43 16.17 7.72
CA PHE A 163 -38.57 14.84 7.11
C PHE A 163 -37.21 14.17 6.93
N GLY A 164 -36.29 14.40 7.85
CA GLY A 164 -34.93 13.87 7.73
C GLY A 164 -34.85 12.35 7.85
N LEU A 165 -35.82 11.77 8.54
CA LEU A 165 -35.88 10.32 8.74
C LEU A 165 -37.02 9.67 7.96
N ALA A 166 -37.72 10.45 7.13
CA ALA A 166 -38.85 9.94 6.37
C ALA A 166 -38.41 8.94 5.31
N HIS A 167 -39.33 8.09 4.88
CA HIS A 167 -38.98 6.97 4.00
C HIS A 167 -40.19 6.46 3.23
N GLU A 168 -39.99 6.24 1.93
CA GLU A 168 -41.04 5.67 1.09
C GLU A 168 -41.15 4.18 1.33
N ILE A 169 -42.33 3.75 1.75
CA ILE A 169 -42.56 2.35 2.09
C ILE A 169 -42.85 1.51 0.86
N GLU A 170 -42.00 0.51 0.64
CA GLU A 170 -42.07 -0.34 -0.54
C GLU A 170 -42.88 -1.59 -0.23
N ASP A 171 -43.78 -1.96 -1.14
CA ASP A 171 -44.49 -3.23 -1.03
C ASP A 171 -43.52 -4.40 -1.14
N GLY A 172 -43.54 -5.29 -0.15
CA GLY A 172 -42.75 -6.51 -0.17
C GLY A 172 -41.31 -6.39 0.32
N VAL A 173 -40.74 -5.18 0.27
CA VAL A 173 -39.38 -4.93 0.74
C VAL A 173 -39.38 -4.74 2.26
N GLU A 174 -38.36 -5.30 2.92
CA GLU A 174 -38.21 -5.19 4.37
C GLU A 174 -37.35 -3.98 4.69
N PHE A 175 -37.70 -3.26 5.75
CA PHE A 175 -36.97 -2.06 6.17
C PHE A 175 -36.79 -2.06 7.69
N LYS A 176 -35.54 -2.15 8.13
CA LYS A 176 -35.21 -2.13 9.55
C LYS A 176 -34.16 -1.06 9.80
N ASN A 177 -34.29 -0.33 10.90
CA ASN A 177 -33.31 0.70 11.25
C ASN A 177 -33.51 1.14 12.71
N ILE A 178 -32.51 1.84 13.26
CA ILE A 178 -32.59 2.41 14.60
C ILE A 178 -32.37 3.90 14.49
N PHE A 179 -33.39 4.68 14.86
CA PHE A 179 -33.32 6.13 14.78
C PHE A 179 -34.30 6.78 15.75
N GLY A 180 -34.39 8.11 15.70
CA GLY A 180 -35.42 8.84 16.42
C GLY A 180 -35.10 9.08 17.89
N THR A 181 -36.02 9.77 18.56
CA THR A 181 -35.86 10.10 19.96
C THR A 181 -36.53 9.00 20.80
N PRO A 182 -35.74 8.25 21.59
CA PRO A 182 -36.21 7.08 22.33
C PRO A 182 -37.61 7.23 22.91
N GLU A 183 -37.86 8.36 23.58
CA GLU A 183 -39.15 8.63 24.23
C GLU A 183 -40.37 8.40 23.32
N PHE A 184 -40.21 8.65 22.03
CA PHE A 184 -41.34 8.63 21.08
C PHE A 184 -41.33 7.50 20.06
N VAL A 185 -40.35 6.60 20.13
CA VAL A 185 -40.19 5.57 19.11
C VAL A 185 -41.02 4.32 19.42
N ALA A 186 -41.52 3.69 18.36
CA ALA A 186 -42.28 2.44 18.47
C ALA A 186 -41.39 1.27 18.92
N PRO A 187 -42.02 0.18 19.43
CA PRO A 187 -41.28 -1.02 19.81
C PRO A 187 -40.51 -1.67 18.67
N GLU A 188 -41.10 -1.68 17.46
CA GLU A 188 -40.41 -2.29 16.31
C GLU A 188 -39.08 -1.62 15.99
N ILE A 189 -38.96 -0.33 16.33
CA ILE A 189 -37.69 0.41 16.15
C ILE A 189 -36.65 -0.07 17.18
N VAL A 190 -37.04 -0.10 18.45
CA VAL A 190 -36.13 -0.52 19.52
C VAL A 190 -35.71 -1.99 19.37
N ASN A 191 -36.66 -2.85 18.97
CA ASN A 191 -36.39 -4.27 18.77
C ASN A 191 -35.64 -4.61 17.47
N TYR A 192 -35.48 -3.61 16.59
CA TYR A 192 -34.88 -3.83 15.27
C TYR A 192 -35.71 -4.88 14.53
N GLU A 193 -37.03 -4.69 14.55
CA GLU A 193 -37.98 -5.52 13.82
C GLU A 193 -38.46 -4.74 12.59
N PRO A 194 -39.15 -5.41 11.65
CA PRO A 194 -39.54 -4.74 10.41
C PRO A 194 -40.44 -3.52 10.63
N LEU A 195 -40.08 -2.40 10.00
CA LEU A 195 -40.78 -1.13 10.17
C LEU A 195 -41.73 -0.85 9.00
N GLY A 196 -42.62 0.12 9.20
CA GLY A 196 -43.56 0.56 8.15
C GLY A 196 -44.31 1.82 8.54
N LEU A 197 -45.52 1.99 8.02
CA LEU A 197 -46.35 3.15 8.37
C LEU A 197 -46.84 3.12 9.82
N GLU A 198 -46.78 1.94 10.44
CA GLU A 198 -47.36 1.74 11.76
C GLU A 198 -46.66 2.54 12.86
N ALA A 199 -45.37 2.80 12.71
CA ALA A 199 -44.58 3.49 13.75
C ALA A 199 -45.09 4.90 14.02
N ASP A 200 -45.49 5.60 12.97
CA ASP A 200 -46.06 6.94 13.12
C ASP A 200 -47.30 6.93 14.02
N MET A 201 -48.10 5.88 13.94
CA MET A 201 -49.33 5.81 14.71
C MET A 201 -49.05 5.61 16.20
N TRP A 202 -48.00 4.85 16.50
CA TRP A 202 -47.50 4.73 17.86
C TRP A 202 -47.15 6.10 18.43
N SER A 203 -46.39 6.85 17.63
CA SER A 203 -45.87 8.15 18.06
C SER A 203 -46.98 9.20 18.20
N ILE A 204 -48.07 9.06 17.44
CA ILE A 204 -49.25 9.89 17.68
C ILE A 204 -49.84 9.56 19.04
N GLY A 205 -49.79 8.28 19.41
CA GLY A 205 -50.25 7.84 20.72
C GLY A 205 -49.49 8.55 21.83
N VAL A 206 -48.17 8.58 21.71
CA VAL A 206 -47.33 9.24 22.71
C VAL A 206 -47.64 10.73 22.75
N ILE A 207 -47.71 11.34 21.58
CA ILE A 207 -48.02 12.76 21.48
C ILE A 207 -49.35 13.08 22.16
N THR A 208 -50.39 12.28 21.90
CA THR A 208 -51.71 12.48 22.50
C THR A 208 -51.67 12.27 24.01
N TYR A 209 -50.93 11.26 24.43
CA TYR A 209 -50.78 10.95 25.85
C TYR A 209 -50.20 12.16 26.60
N ILE A 210 -49.14 12.75 26.03
CA ILE A 210 -48.48 13.90 26.65
C ILE A 210 -49.36 15.13 26.57
N LEU A 211 -50.01 15.33 25.43
CA LEU A 211 -50.85 16.50 25.21
C LEU A 211 -51.97 16.59 26.24
N LEU A 212 -52.60 15.45 26.54
CA LEU A 212 -53.72 15.41 27.49
C LEU A 212 -53.30 15.52 28.96
N SER A 213 -52.12 14.99 29.29
CA SER A 213 -51.73 14.74 30.68
C SER A 213 -50.58 15.60 31.19
N GLY A 214 -49.53 15.73 30.39
CA GLY A 214 -48.29 16.38 30.82
C GLY A 214 -47.19 15.36 31.09
N ALA A 215 -47.56 14.12 31.35
CA ALA A 215 -46.59 13.03 31.55
C ALA A 215 -46.33 12.31 30.24
N SER A 216 -45.14 11.72 30.13
CA SER A 216 -44.76 10.90 28.99
C SER A 216 -44.99 9.43 29.33
N PRO A 217 -45.57 8.66 28.40
CA PRO A 217 -46.00 7.30 28.74
C PRO A 217 -44.88 6.36 29.16
N PHE A 218 -43.80 6.31 28.38
CA PHE A 218 -42.74 5.32 28.62
C PHE A 218 -41.41 5.91 29.12
N LEU A 219 -41.35 7.21 29.34
CA LEU A 219 -40.11 7.87 29.74
C LEU A 219 -39.61 7.37 31.09
N GLY A 220 -38.36 6.91 31.12
CA GLY A 220 -37.70 6.48 32.35
C GLY A 220 -36.68 7.50 32.82
N ASP A 221 -35.99 7.18 33.90
CA ASP A 221 -34.90 8.02 34.41
C ASP A 221 -33.63 7.92 33.56
N THR A 222 -33.51 6.86 32.76
CA THR A 222 -32.38 6.68 31.88
C THR A 222 -32.86 6.11 30.55
N LYS A 223 -32.06 6.27 29.51
CA LYS A 223 -32.40 5.73 28.18
C LYS A 223 -32.70 4.24 28.27
N GLN A 224 -31.95 3.54 29.11
CA GLN A 224 -32.17 2.12 29.36
C GLN A 224 -33.60 1.84 29.80
N GLU A 225 -34.02 2.53 30.87
CA GLU A 225 -35.38 2.38 31.40
C GLU A 225 -36.43 2.73 30.36
N THR A 226 -36.22 3.84 29.65
CA THR A 226 -37.14 4.27 28.60
C THR A 226 -37.36 3.19 27.55
N LEU A 227 -36.29 2.53 27.14
CA LEU A 227 -36.35 1.46 26.12
C LEU A 227 -37.02 0.18 26.61
N ALA A 228 -36.83 -0.14 27.89
CA ALA A 228 -37.47 -1.32 28.50
C ALA A 228 -38.98 -1.13 28.67
N ASN A 229 -39.40 0.10 28.99
CA ASN A 229 -40.83 0.40 29.14
C ASN A 229 -41.54 0.23 27.82
N ILE A 230 -40.96 0.80 26.78
CA ILE A 230 -41.49 0.70 25.42
C ILE A 230 -41.65 -0.76 25.00
N THR A 231 -40.57 -1.54 25.07
CA THR A 231 -40.56 -2.92 24.59
C THR A 231 -41.55 -3.84 25.31
N SER A 232 -41.83 -3.55 26.58
CA SER A 232 -42.85 -4.30 27.33
C SER A 232 -44.21 -3.63 27.27
N VAL A 233 -44.27 -2.42 26.71
CA VAL A 233 -45.51 -1.63 26.63
C VAL A 233 -46.06 -1.38 28.03
N SER A 234 -45.20 -0.82 28.88
CA SER A 234 -45.50 -0.62 30.29
C SER A 234 -45.81 0.84 30.59
N TYR A 235 -47.09 1.18 30.56
CA TYR A 235 -47.58 2.51 30.92
C TYR A 235 -48.92 2.36 31.62
N ASP A 236 -49.37 3.44 32.28
CA ASP A 236 -50.72 3.47 32.84
C ASP A 236 -51.35 4.84 32.68
N PHE A 237 -52.64 4.91 33.00
CA PHE A 237 -53.35 6.17 33.05
C PHE A 237 -53.51 6.54 34.53
N ASP A 238 -52.39 6.91 35.14
CA ASP A 238 -52.35 7.21 36.58
C ASP A 238 -53.25 8.40 36.91
N GLU A 239 -54.18 8.19 37.83
CA GLU A 239 -55.25 9.15 38.12
C GLU A 239 -54.73 10.54 38.52
N GLU A 240 -53.48 10.62 38.95
CA GLU A 240 -52.82 11.91 39.24
C GLU A 240 -52.83 12.82 38.00
N PHE A 241 -52.78 12.22 36.82
CA PHE A 241 -52.74 12.97 35.56
C PHE A 241 -54.02 12.81 34.72
N PHE A 242 -54.74 11.71 34.91
CA PHE A 242 -55.87 11.35 34.02
C PHE A 242 -57.24 11.33 34.70
N SER A 243 -57.43 12.13 35.75
CA SER A 243 -58.73 12.24 36.42
C SER A 243 -59.75 13.03 35.58
N HIS A 244 -59.27 14.02 34.84
CA HIS A 244 -60.12 14.83 33.97
C HIS A 244 -60.36 14.20 32.60
N THR A 245 -59.66 13.10 32.32
CA THR A 245 -59.62 12.54 30.97
C THR A 245 -60.77 11.55 30.71
N SER A 246 -61.41 11.68 29.55
CA SER A 246 -62.55 10.85 29.18
C SER A 246 -62.13 9.43 28.84
N GLU A 247 -63.11 8.52 28.82
CA GLU A 247 -62.85 7.12 28.47
C GLU A 247 -62.49 6.96 27.01
N LEU A 248 -63.09 7.79 26.15
CA LEU A 248 -62.82 7.73 24.72
C LEU A 248 -61.42 8.19 24.39
N ALA A 249 -60.96 9.27 25.03
CA ALA A 249 -59.59 9.73 24.89
C ALA A 249 -58.61 8.60 25.23
N LYS A 250 -58.87 7.92 26.34
CA LYS A 250 -58.06 6.78 26.76
C LYS A 250 -58.16 5.62 25.77
N ASP A 251 -59.37 5.32 25.29
CA ASP A 251 -59.57 4.26 24.29
C ASP A 251 -58.70 4.50 23.05
N PHE A 252 -58.66 5.75 22.61
CA PHE A 252 -57.89 6.18 21.45
C PHE A 252 -56.41 5.91 21.69
N ILE A 253 -55.88 6.41 22.80
CA ILE A 253 -54.47 6.24 23.13
C ILE A 253 -54.13 4.76 23.30
N ARG A 254 -55.05 3.99 23.85
CA ARG A 254 -54.81 2.58 24.19
C ARG A 254 -54.76 1.71 22.93
N LYS A 255 -55.54 2.07 21.92
CA LYS A 255 -55.53 1.35 20.64
C LYS A 255 -54.32 1.70 19.76
N LEU A 256 -53.66 2.82 20.06
CA LEU A 256 -52.44 3.22 19.34
C LEU A 256 -51.17 2.61 19.96
N LEU A 257 -51.06 2.65 21.29
CA LEU A 257 -49.87 2.13 21.98
C LEU A 257 -49.93 0.59 22.11
N VAL A 258 -49.91 -0.10 20.98
CA VAL A 258 -50.01 -1.54 20.91
C VAL A 258 -48.73 -2.11 20.32
N LYS A 259 -48.23 -3.23 20.83
CA LYS A 259 -46.99 -3.81 20.30
C LYS A 259 -47.18 -4.36 18.90
N GLU A 260 -48.20 -5.21 18.72
CA GLU A 260 -48.46 -5.85 17.44
C GLU A 260 -48.78 -4.76 16.41
N THR A 261 -47.97 -4.68 15.36
CA THR A 261 -48.13 -3.66 14.32
C THR A 261 -49.41 -3.85 13.52
N ARG A 262 -49.84 -5.10 13.35
CA ARG A 262 -51.03 -5.42 12.57
C ARG A 262 -52.30 -4.99 13.30
N LYS A 263 -52.25 -5.08 14.63
CA LYS A 263 -53.41 -4.79 15.48
C LYS A 263 -53.52 -3.29 15.82
N ARG A 264 -52.42 -2.57 15.63
CA ARG A 264 -52.39 -1.13 15.88
C ARG A 264 -53.29 -0.40 14.89
N LEU A 265 -53.81 0.75 15.30
CA LEU A 265 -54.67 1.55 14.43
C LEU A 265 -53.87 2.13 13.27
N THR A 266 -54.37 1.93 12.06
CA THR A 266 -53.85 2.63 10.90
C THR A 266 -54.43 4.04 10.93
N ILE A 267 -53.91 4.93 10.11
CA ILE A 267 -54.29 6.34 10.18
C ILE A 267 -55.78 6.57 9.89
N GLN A 268 -56.32 5.81 8.95
CA GLN A 268 -57.73 5.97 8.55
C GLN A 268 -58.69 5.60 9.68
N GLU A 269 -58.28 4.65 10.52
CA GLU A 269 -59.08 4.20 11.65
C GLU A 269 -59.04 5.27 12.75
N ALA A 270 -57.86 5.82 13.00
CA ALA A 270 -57.68 6.88 14.00
C ALA A 270 -58.46 8.14 13.69
N LEU A 271 -58.61 8.46 12.39
CA LEU A 271 -59.44 9.60 11.98
C LEU A 271 -60.92 9.34 12.27
N ARG A 272 -61.31 8.08 12.21
CA ARG A 272 -62.69 7.68 12.34
C ARG A 272 -63.04 7.28 13.78
N HIS A 273 -62.07 7.36 14.70
CA HIS A 273 -62.30 6.97 16.09
C HIS A 273 -63.29 7.94 16.72
N PRO A 274 -64.22 7.44 17.56
CA PRO A 274 -65.26 8.29 18.12
C PRO A 274 -64.75 9.56 18.81
N TRP A 275 -63.57 9.47 19.44
CA TRP A 275 -62.96 10.60 20.09
C TRP A 275 -62.56 11.70 19.11
N ILE A 276 -62.18 11.32 17.89
CA ILE A 276 -61.88 12.29 16.83
C ILE A 276 -63.14 12.65 16.05
N THR A 277 -63.92 11.63 15.69
CA THR A 277 -65.16 11.82 14.95
C THR A 277 -66.34 11.22 15.73
N PRO A 278 -67.00 12.04 16.56
CA PRO A 278 -68.16 11.61 17.33
C PRO A 278 -69.33 11.14 16.48
N VAL A 279 -70.01 10.07 16.90
CA VAL A 279 -71.09 9.48 16.10
C VAL A 279 -72.47 10.08 16.40
N ASP A 280 -72.70 10.43 17.67
CA ASP A 280 -73.94 11.09 18.09
C ASP A 280 -73.63 12.40 18.80
N ASN A 281 -74.67 13.18 19.07
CA ASN A 281 -74.50 14.48 19.74
C ASN A 281 -74.21 14.34 21.23
N GLN A 282 -74.49 13.16 21.79
CA GLN A 282 -74.20 12.88 23.20
C GLN A 282 -72.68 12.92 23.42
N GLN A 283 -71.95 12.09 22.67
CA GLN A 283 -70.50 11.97 22.84
C GLN A 283 -69.76 13.27 22.43
N ALA A 284 -70.39 14.10 21.60
CA ALA A 284 -69.81 15.40 21.23
C ALA A 284 -69.81 16.36 22.43
N MET A 285 -70.83 16.26 23.27
CA MET A 285 -70.91 17.06 24.49
C MET A 285 -69.88 16.64 25.52
N VAL A 286 -69.67 15.33 25.67
CA VAL A 286 -68.71 14.81 26.63
C VAL A 286 -67.31 15.35 26.36
N ARG A 287 -66.91 15.29 25.10
CA ARG A 287 -65.62 15.80 24.64
C ARG A 287 -65.48 17.32 24.88
N ARG A 288 -66.54 18.07 24.61
CA ARG A 288 -66.56 19.52 24.82
C ARG A 288 -66.46 19.89 26.31
N GLU A 289 -66.95 19.00 27.17
CA GLU A 289 -66.95 19.24 28.63
C GLU A 289 -65.71 18.73 29.33
N SER A 290 -65.07 17.69 28.78
CA SER A 290 -63.86 17.14 29.38
C SER A 290 -62.70 18.11 29.21
N VAL A 291 -62.03 18.43 30.31
CA VAL A 291 -60.93 19.40 30.31
C VAL A 291 -59.58 18.72 30.41
N VAL A 292 -58.55 19.43 29.98
CA VAL A 292 -57.17 19.00 30.12
C VAL A 292 -56.54 19.74 31.30
N ASN A 293 -55.75 19.02 32.10
CA ASN A 293 -55.08 19.63 33.24
C ASN A 293 -53.85 20.42 32.78
N LEU A 294 -54.02 21.72 32.58
CA LEU A 294 -52.99 22.56 32.01
C LEU A 294 -51.81 22.81 32.94
N GLU A 295 -52.01 22.71 34.25
CA GLU A 295 -50.89 22.88 35.18
C GLU A 295 -49.96 21.67 35.16
N ASN A 296 -50.53 20.46 35.16
CA ASN A 296 -49.72 19.26 34.98
C ASN A 296 -48.91 19.36 33.69
N PHE A 297 -49.51 19.92 32.66
CA PHE A 297 -48.86 20.15 31.37
C PHE A 297 -47.79 21.24 31.46
N ARG A 298 -48.14 22.39 32.04
CA ARG A 298 -47.21 23.51 32.21
C ARG A 298 -46.02 23.17 33.12
N LYS A 299 -46.23 22.26 34.06
CA LYS A 299 -45.17 21.83 34.98
C LYS A 299 -44.12 21.00 34.23
N GLN A 300 -44.59 20.00 33.49
CA GLN A 300 -43.71 19.14 32.68
C GLN A 300 -43.27 19.80 31.36
N TYR A 301 -43.44 21.10 31.25
CA TYR A 301 -42.97 21.87 30.11
C TYR A 301 -42.27 23.12 30.66
N VAL A 302 -42.82 24.32 30.44
CA VAL A 302 -42.48 25.58 31.14
C VAL A 302 -41.91 26.60 30.14
N GLU B 3 -15.16 10.53 49.05
CA GLU B 3 -16.26 10.04 48.18
C GLU B 3 -17.16 11.15 47.63
N PRO B 4 -17.47 12.19 48.43
CA PRO B 4 -18.29 13.27 47.88
C PRO B 4 -17.52 14.12 46.86
N PHE B 5 -18.23 14.66 45.88
CA PHE B 5 -17.62 15.56 44.90
C PHE B 5 -17.36 16.90 45.58
N LYS B 6 -16.31 17.59 45.16
CA LYS B 6 -15.95 18.87 45.76
C LYS B 6 -16.86 19.98 45.24
N GLN B 7 -17.33 20.82 46.16
CA GLN B 7 -18.27 21.88 45.83
C GLN B 7 -17.57 23.22 45.62
N GLN B 8 -16.25 23.24 45.75
CA GLN B 8 -15.47 24.45 45.52
C GLN B 8 -15.35 24.73 44.02
N LYS B 9 -15.10 25.99 43.69
CA LYS B 9 -14.98 26.41 42.29
C LYS B 9 -13.69 25.86 41.70
N VAL B 10 -13.81 25.07 40.65
CA VAL B 10 -12.66 24.44 39.99
C VAL B 10 -11.58 25.46 39.59
N GLU B 11 -12.01 26.65 39.16
CA GLU B 11 -11.10 27.70 38.70
C GLU B 11 -10.30 28.37 39.83
N ASP B 12 -10.76 28.23 41.07
CA ASP B 12 -10.01 28.71 42.24
C ASP B 12 -8.81 27.81 42.53
N PHE B 13 -8.84 26.56 42.07
CA PHE B 13 -7.78 25.59 42.33
C PHE B 13 -6.97 25.20 41.10
N TYR B 14 -7.54 25.37 39.91
CA TYR B 14 -6.84 25.08 38.65
C TYR B 14 -6.86 26.30 37.74
N ASP B 15 -5.81 26.44 36.93
CA ASP B 15 -5.81 27.39 35.82
C ASP B 15 -6.38 26.66 34.59
N ILE B 16 -7.46 27.20 34.02
CA ILE B 16 -8.15 26.58 32.88
C ILE B 16 -7.48 26.97 31.57
N GLY B 17 -7.26 25.99 30.69
CA GLY B 17 -6.52 26.20 29.44
C GLY B 17 -7.28 25.85 28.18
N GLU B 18 -6.52 25.64 27.11
CA GLU B 18 -7.06 25.33 25.77
C GLU B 18 -7.96 24.10 25.75
N GLU B 19 -8.92 24.10 24.83
CA GLU B 19 -9.82 22.95 24.63
C GLU B 19 -9.06 21.82 23.97
N LEU B 20 -9.36 20.59 24.39
CA LEU B 20 -8.74 19.40 23.82
C LEU B 20 -9.72 18.64 22.93
N GLY B 21 -10.91 18.36 23.46
CA GLY B 21 -11.94 17.63 22.71
C GLY B 21 -13.33 18.11 23.02
N SER B 22 -14.32 17.59 22.29
CA SER B 22 -15.64 18.22 22.24
C SER B 22 -16.84 17.33 22.57
N GLY B 23 -17.80 17.26 21.64
CA GLY B 23 -19.23 17.31 21.94
C GLY B 23 -20.00 16.22 22.67
N GLN B 24 -21.24 16.03 22.21
CA GLN B 24 -22.33 15.43 22.98
C GLN B 24 -22.66 16.28 24.21
N PHE B 25 -22.16 15.90 25.39
CA PHE B 25 -22.56 16.56 26.63
C PHE B 25 -21.38 16.82 27.57
N ALA B 26 -20.18 16.97 26.99
CA ALA B 26 -18.96 17.19 27.75
C ALA B 26 -17.93 17.97 26.94
N ILE B 27 -17.22 18.88 27.59
CA ILE B 27 -16.10 19.61 26.99
C ILE B 27 -14.84 19.32 27.81
N VAL B 28 -13.79 18.87 27.16
CA VAL B 28 -12.52 18.56 27.82
C VAL B 28 -11.54 19.69 27.57
N LYS B 29 -10.98 20.24 28.65
CA LYS B 29 -9.99 21.32 28.56
C LYS B 29 -8.71 20.94 29.28
N LYS B 30 -7.62 21.61 28.93
CA LYS B 30 -6.33 21.41 29.60
C LYS B 30 -6.27 22.31 30.83
N CYS B 31 -5.70 21.81 31.91
CA CYS B 31 -5.60 22.60 33.14
C CYS B 31 -4.37 22.22 33.97
N ARG B 32 -4.09 23.03 34.99
CA ARG B 32 -2.92 22.84 35.84
C ARG B 32 -3.27 23.15 37.30
N GLU B 33 -3.12 22.15 38.16
CA GLU B 33 -3.37 22.35 39.59
C GLU B 33 -2.35 23.34 40.14
N LYS B 34 -2.84 24.48 40.64
CA LYS B 34 -1.99 25.58 41.09
C LYS B 34 -1.03 25.14 42.19
N SER B 35 -1.53 24.35 43.13
CA SER B 35 -0.75 23.96 44.31
C SER B 35 0.50 23.15 43.98
N THR B 36 0.40 22.26 42.99
CA THR B 36 1.50 21.36 42.62
C THR B 36 2.21 21.77 41.33
N GLY B 37 1.47 22.35 40.39
CA GLY B 37 2.01 22.70 39.07
C GLY B 37 1.90 21.55 38.08
N LEU B 38 1.26 20.46 38.49
CA LEU B 38 1.07 19.30 37.62
C LEU B 38 -0.08 19.58 36.67
N GLU B 39 0.10 19.26 35.39
CA GLU B 39 -0.93 19.48 34.38
C GLU B 39 -1.95 18.34 34.38
N TYR B 40 -3.19 18.66 34.02
CA TYR B 40 -4.27 17.68 33.96
C TYR B 40 -5.27 18.05 32.85
N ALA B 41 -6.21 17.14 32.60
CA ALA B 41 -7.27 17.37 31.62
C ALA B 41 -8.62 17.39 32.34
N ALA B 42 -9.28 18.54 32.30
CA ALA B 42 -10.58 18.71 32.95
C ALA B 42 -11.71 18.40 31.99
N LYS B 43 -12.56 17.44 32.35
CA LYS B 43 -13.75 17.09 31.58
C LYS B 43 -14.98 17.72 32.23
N PHE B 44 -15.54 18.74 31.58
CA PHE B 44 -16.71 19.46 32.09
C PHE B 44 -17.98 18.81 31.56
N ILE B 45 -18.67 18.03 32.40
CA ILE B 45 -19.91 17.38 32.01
C ILE B 45 -21.10 18.22 32.47
N LYS B 46 -21.90 18.67 31.50
CA LYS B 46 -23.11 19.45 31.78
C LYS B 46 -24.15 18.53 32.41
N LYS B 47 -24.65 18.90 33.58
CA LYS B 47 -25.70 18.12 34.26
C LYS B 47 -27.02 18.23 33.51
N ARG B 48 -27.92 17.30 33.81
CA ARG B 48 -29.27 17.29 33.27
C ARG B 48 -30.22 17.84 34.32
N GLN B 49 -31.02 18.85 33.96
CA GLN B 49 -31.89 19.55 34.92
C GLN B 49 -33.26 18.89 35.15
N SER B 50 -33.68 18.01 34.23
CA SER B 50 -34.86 17.16 34.45
C SER B 50 -34.91 15.98 33.49
N ARG B 51 -35.81 15.03 33.77
CA ARG B 51 -35.82 13.72 33.08
C ARG B 51 -35.95 13.83 31.56
N ALA B 52 -36.98 14.54 31.11
CA ALA B 52 -37.26 14.71 29.68
C ALA B 52 -36.20 15.55 29.00
N SER B 53 -35.76 16.62 29.68
CA SER B 53 -34.74 17.54 29.18
C SER B 53 -33.83 16.90 28.13
N ARG B 54 -34.00 17.34 26.89
CA ARG B 54 -33.23 16.86 25.73
C ARG B 54 -31.76 16.64 26.05
N ARG B 55 -31.13 17.65 26.64
CA ARG B 55 -29.68 17.71 26.79
C ARG B 55 -29.23 17.68 28.24
N GLY B 56 -28.10 17.01 28.48
CA GLY B 56 -27.54 16.84 29.82
C GLY B 56 -27.47 15.37 30.23
N VAL B 57 -26.41 15.03 30.96
CA VAL B 57 -26.25 13.68 31.48
C VAL B 57 -26.81 13.64 32.90
N SER B 58 -27.49 12.55 33.26
CA SER B 58 -28.16 12.44 34.56
C SER B 58 -27.20 12.15 35.69
N ARG B 59 -27.66 12.42 36.90
CA ARG B 59 -26.86 12.30 38.12
C ARG B 59 -26.33 10.88 38.32
N GLU B 60 -27.17 9.88 38.07
CA GLU B 60 -26.75 8.47 38.23
C GLU B 60 -25.68 8.09 37.21
N GLU B 61 -25.90 8.48 35.97
CA GLU B 61 -24.99 8.13 34.87
C GLU B 61 -23.61 8.79 35.07
N ILE B 62 -23.61 9.99 35.66
CA ILE B 62 -22.38 10.66 36.05
C ILE B 62 -21.74 9.91 37.23
N GLU B 63 -22.52 9.68 38.27
CA GLU B 63 -22.07 8.91 39.44
C GLU B 63 -21.47 7.56 39.01
N ARG B 64 -22.17 6.87 38.12
CA ARG B 64 -21.75 5.55 37.64
C ARG B 64 -20.38 5.63 36.97
N GLU B 65 -20.17 6.66 36.16
CA GLU B 65 -18.88 6.87 35.52
C GLU B 65 -17.80 7.09 36.58
N VAL B 66 -18.03 8.07 37.45
CA VAL B 66 -17.11 8.39 38.54
C VAL B 66 -16.78 7.15 39.36
N SER B 67 -17.83 6.41 39.73
CA SER B 67 -17.69 5.19 40.53
C SER B 67 -16.74 4.19 39.88
N ILE B 68 -16.89 3.99 38.57
CA ILE B 68 -16.00 3.10 37.82
C ILE B 68 -14.58 3.67 37.75
N LEU B 69 -14.47 4.93 37.33
CA LEU B 69 -13.17 5.59 37.23
C LEU B 69 -12.36 5.51 38.53
N ARG B 70 -13.06 5.54 39.66
CA ARG B 70 -12.43 5.48 40.99
C ARG B 70 -11.90 4.09 41.33
N GLN B 71 -12.41 3.07 40.64
CA GLN B 71 -11.95 1.70 40.85
C GLN B 71 -10.68 1.41 40.08
N VAL B 72 -10.57 1.97 38.88
CA VAL B 72 -9.55 1.56 37.93
C VAL B 72 -8.21 2.22 38.22
N LEU B 73 -7.14 1.44 38.15
CA LEU B 73 -5.78 1.94 38.32
C LEU B 73 -4.78 1.03 37.61
N HIS B 74 -4.66 1.24 36.30
CA HIS B 74 -3.83 0.41 35.41
C HIS B 74 -3.05 1.32 34.47
N HIS B 75 -1.94 0.80 33.92
CA HIS B 75 -1.07 1.59 33.05
C HIS B 75 -1.63 1.88 31.65
N ASN B 76 -2.69 1.16 31.27
CA ASN B 76 -3.36 1.36 29.98
C ASN B 76 -4.76 1.97 30.10
N VAL B 77 -5.09 2.46 31.29
CA VAL B 77 -6.38 3.10 31.54
C VAL B 77 -6.17 4.48 32.14
N ILE B 78 -7.05 5.41 31.78
CA ILE B 78 -6.97 6.78 32.24
C ILE B 78 -7.24 6.85 33.75
N THR B 79 -6.51 7.72 34.44
CA THR B 79 -6.55 7.76 35.91
C THR B 79 -7.17 9.05 36.46
N LEU B 80 -8.28 8.89 37.17
CA LEU B 80 -9.00 10.01 37.77
C LEU B 80 -8.19 10.67 38.87
N HIS B 81 -7.97 11.98 38.75
CA HIS B 81 -7.23 12.73 39.75
C HIS B 81 -8.17 13.18 40.86
N ASP B 82 -9.23 13.87 40.46
CA ASP B 82 -10.17 14.46 41.42
C ASP B 82 -11.53 14.65 40.75
N VAL B 83 -12.51 15.14 41.51
CA VAL B 83 -13.85 15.41 40.98
C VAL B 83 -14.45 16.64 41.63
N TYR B 84 -15.01 17.53 40.81
CA TYR B 84 -15.61 18.77 41.27
C TYR B 84 -17.05 18.86 40.78
N GLU B 85 -17.82 19.76 41.39
CA GLU B 85 -19.21 19.97 41.03
C GLU B 85 -19.63 21.39 41.39
N ASN B 86 -20.61 21.92 40.67
CA ASN B 86 -21.18 23.20 41.04
C ASN B 86 -22.69 23.23 41.05
N ARG B 87 -23.30 23.21 39.88
CA ARG B 87 -24.54 23.95 39.68
C ARG B 87 -25.08 23.64 38.29
N THR B 88 -24.25 23.88 37.28
CA THR B 88 -24.55 23.51 35.90
C THR B 88 -23.76 22.28 35.46
N ASP B 89 -22.52 22.17 35.93
CA ASP B 89 -21.59 21.13 35.47
C ASP B 89 -20.98 20.29 36.60
N VAL B 90 -20.70 19.03 36.29
CA VAL B 90 -19.82 18.20 37.10
C VAL B 90 -18.48 18.10 36.36
N VAL B 91 -17.38 18.40 37.04
CA VAL B 91 -16.07 18.47 36.40
C VAL B 91 -15.16 17.33 36.87
N LEU B 92 -14.78 16.47 35.93
CA LEU B 92 -13.83 15.40 36.19
C LEU B 92 -12.42 15.85 35.83
N ILE B 93 -11.52 15.85 36.80
CA ILE B 93 -10.11 16.12 36.54
C ILE B 93 -9.44 14.78 36.28
N LEU B 94 -9.03 14.55 35.04
CA LEU B 94 -8.41 13.29 34.63
C LEU B 94 -6.93 13.46 34.37
N GLU B 95 -6.22 12.34 34.28
CA GLU B 95 -4.82 12.33 33.85
C GLU B 95 -4.75 12.92 32.45
N LEU B 96 -3.73 13.75 32.20
CA LEU B 96 -3.54 14.36 30.89
C LEU B 96 -2.90 13.37 29.93
N VAL B 97 -3.44 13.30 28.72
CA VAL B 97 -2.99 12.36 27.69
C VAL B 97 -2.68 13.13 26.40
N SER B 98 -1.42 13.51 26.22
CA SER B 98 -1.04 14.45 25.16
C SER B 98 -0.55 13.83 23.85
N GLY B 99 -0.48 12.51 23.79
CA GLY B 99 0.02 11.81 22.59
C GLY B 99 -0.95 11.78 21.41
N GLY B 100 -2.21 12.12 21.64
CA GLY B 100 -3.24 12.04 20.60
C GLY B 100 -3.74 10.62 20.41
N GLU B 101 -4.49 10.40 19.32
CA GLU B 101 -5.09 9.11 19.04
C GLU B 101 -4.05 8.17 18.48
N LEU B 102 -4.22 6.87 18.72
CA LEU B 102 -3.28 5.84 18.24
C LEU B 102 -3.17 5.85 16.71
N PHE B 103 -4.32 5.89 16.05
CA PHE B 103 -4.39 5.83 14.59
C PHE B 103 -3.68 7.00 13.92
N ASP B 104 -3.74 8.18 14.53
CA ASP B 104 -3.04 9.36 14.00
C ASP B 104 -1.53 9.20 14.08
N PHE B 105 -1.05 8.52 15.12
CA PHE B 105 0.37 8.20 15.24
C PHE B 105 0.80 7.18 14.20
N LEU B 106 0.00 6.12 14.02
CA LEU B 106 0.33 5.05 13.08
C LEU B 106 0.37 5.54 11.63
N ALA B 107 -0.48 6.53 11.30
CA ALA B 107 -0.55 7.07 9.94
C ALA B 107 0.70 7.85 9.52
N GLN B 108 1.63 8.09 10.45
CA GLN B 108 2.86 8.83 10.15
C GLN B 108 4.10 7.94 10.07
N LYS B 109 3.94 6.64 10.29
CA LYS B 109 5.03 5.68 10.08
C LYS B 109 5.23 5.40 8.60
N GLU B 110 6.46 5.03 8.25
CA GLU B 110 6.77 4.58 6.88
C GLU B 110 6.57 3.07 6.74
N SER B 111 6.81 2.34 7.83
CA SER B 111 6.67 0.88 7.84
C SER B 111 6.07 0.40 9.17
N LEU B 112 5.22 -0.63 9.10
CA LEU B 112 4.59 -1.20 10.30
C LEU B 112 4.35 -2.69 10.14
N SER B 113 5.11 -3.51 10.88
CA SER B 113 4.94 -4.96 10.86
C SER B 113 3.81 -5.38 11.80
N GLU B 114 3.36 -6.62 11.66
CA GLU B 114 2.30 -7.14 12.53
C GLU B 114 2.82 -7.38 13.95
N GLU B 115 4.12 -7.62 14.07
CA GLU B 115 4.77 -7.71 15.37
C GLU B 115 4.56 -6.41 16.13
N GLU B 116 4.83 -5.30 15.46
CA GLU B 116 4.61 -3.97 16.02
C GLU B 116 3.13 -3.73 16.28
N ALA B 117 2.28 -4.12 15.34
CA ALA B 117 0.84 -3.94 15.48
C ALA B 117 0.32 -4.65 16.75
N THR B 118 0.73 -5.89 16.94
CA THR B 118 0.28 -6.68 18.09
C THR B 118 0.80 -6.10 19.40
N SER B 119 1.95 -5.44 19.37
CA SER B 119 2.45 -4.76 20.56
C SER B 119 1.52 -3.61 20.97
N PHE B 120 0.81 -3.00 20.02
CA PHE B 120 -0.21 -1.98 20.33
C PHE B 120 -1.53 -2.63 20.72
N ILE B 121 -1.91 -3.68 20.02
CA ILE B 121 -3.15 -4.40 20.31
C ILE B 121 -3.05 -5.07 21.68
N LYS B 122 -1.87 -5.58 22.02
CA LYS B 122 -1.66 -6.18 23.34
C LYS B 122 -1.88 -5.15 24.45
N GLN B 123 -1.41 -3.93 24.25
CA GLN B 123 -1.65 -2.88 25.23
C GLN B 123 -3.14 -2.64 25.44
N ILE B 124 -3.92 -2.72 24.37
CA ILE B 124 -5.38 -2.60 24.44
C ILE B 124 -5.93 -3.80 25.22
N LEU B 125 -5.41 -4.99 24.93
CA LEU B 125 -5.87 -6.22 25.57
C LEU B 125 -5.58 -6.24 27.08
N ASP B 126 -4.38 -5.79 27.46
CA ASP B 126 -4.03 -5.66 28.88
C ASP B 126 -5.01 -4.76 29.62
N GLY B 127 -5.29 -3.61 29.04
CA GLY B 127 -6.25 -2.68 29.60
C GLY B 127 -7.63 -3.30 29.75
N VAL B 128 -8.10 -3.95 28.70
CA VAL B 128 -9.44 -4.55 28.72
C VAL B 128 -9.50 -5.74 29.70
N ASN B 129 -8.40 -6.48 29.82
CA ASN B 129 -8.34 -7.63 30.73
C ASN B 129 -8.51 -7.23 32.19
N TYR B 130 -7.84 -6.14 32.56
CA TYR B 130 -7.97 -5.54 33.88
C TYR B 130 -9.42 -5.16 34.17
N LEU B 131 -10.03 -4.43 33.24
CA LEU B 131 -11.44 -4.05 33.35
C LEU B 131 -12.35 -5.26 33.45
N HIS B 132 -12.14 -6.25 32.59
CA HIS B 132 -12.96 -7.47 32.57
C HIS B 132 -12.75 -8.34 33.80
N THR B 133 -11.54 -8.33 34.36
CA THR B 133 -11.27 -9.03 35.61
C THR B 133 -12.13 -8.46 36.74
N LYS B 134 -12.34 -7.14 36.72
CA LYS B 134 -13.14 -6.45 37.71
C LYS B 134 -14.62 -6.35 37.30
N LYS B 135 -15.03 -7.18 36.33
CA LYS B 135 -16.41 -7.24 35.84
C LYS B 135 -16.89 -5.92 35.22
N ILE B 136 -15.97 -5.18 34.60
CA ILE B 136 -16.28 -3.90 33.99
C ILE B 136 -16.21 -3.98 32.48
N ALA B 137 -17.33 -3.69 31.82
CA ALA B 137 -17.39 -3.55 30.37
C ALA B 137 -17.17 -2.08 30.01
N HIS B 138 -16.41 -1.84 28.95
CA HIS B 138 -16.15 -0.47 28.48
C HIS B 138 -17.31 0.07 27.67
N PHE B 139 -17.81 -0.75 26.73
CA PHE B 139 -18.96 -0.42 25.89
C PHE B 139 -18.79 0.80 24.96
N ASP B 140 -17.56 1.26 24.76
CA ASP B 140 -17.31 2.32 23.78
C ASP B 140 -15.87 2.27 23.26
N LEU B 141 -15.37 1.05 23.05
CA LEU B 141 -14.06 0.86 22.44
C LEU B 141 -14.12 1.19 20.95
N LYS B 142 -13.41 2.24 20.56
CA LYS B 142 -13.25 2.63 19.17
C LYS B 142 -11.96 3.43 19.07
N PRO B 143 -11.39 3.58 17.86
CA PRO B 143 -10.10 4.24 17.69
C PRO B 143 -9.91 5.57 18.41
N GLU B 144 -10.95 6.41 18.44
CA GLU B 144 -10.81 7.75 19.03
C GLU B 144 -10.82 7.73 20.56
N ASN B 145 -11.18 6.58 21.14
CA ASN B 145 -11.06 6.38 22.59
C ASN B 145 -9.77 5.63 22.95
N ILE B 146 -8.89 5.47 21.98
CA ILE B 146 -7.60 4.82 22.19
C ILE B 146 -6.48 5.83 21.96
N MET B 147 -5.98 6.41 23.06
CA MET B 147 -5.02 7.50 22.98
C MET B 147 -3.63 7.02 23.35
N LEU B 148 -2.64 7.89 23.14
CA LEU B 148 -1.25 7.60 23.46
C LEU B 148 -0.78 8.57 24.53
N LEU B 149 0.13 8.12 25.40
CA LEU B 149 0.73 9.01 26.40
C LEU B 149 1.65 10.03 25.75
N ASP B 150 2.64 9.52 25.01
CA ASP B 150 3.70 10.35 24.42
C ASP B 150 4.10 9.82 23.04
N LYS B 151 4.37 10.74 22.11
CA LYS B 151 4.67 10.38 20.71
C LYS B 151 6.15 10.10 20.44
N ASN B 152 7.04 10.74 21.21
CA ASN B 152 8.48 10.76 20.90
C ASN B 152 9.31 9.59 21.47
N ILE B 153 8.68 8.43 21.64
CA ILE B 153 9.38 7.19 21.98
C ILE B 153 9.09 6.18 20.88
N PRO B 154 9.97 5.18 20.70
CA PRO B 154 9.76 4.19 19.64
C PRO B 154 8.38 3.54 19.64
N ILE B 155 7.95 3.01 20.78
CA ILE B 155 6.64 2.36 20.89
C ILE B 155 5.84 3.06 21.99
N PRO B 156 4.95 4.01 21.60
CA PRO B 156 4.10 4.76 22.53
C PRO B 156 3.24 3.91 23.45
N HIS B 157 2.87 4.47 24.60
CA HIS B 157 2.05 3.77 25.58
C HIS B 157 0.60 4.19 25.44
N ILE B 158 -0.29 3.20 25.34
CA ILE B 158 -1.71 3.41 25.10
C ILE B 158 -2.45 3.71 26.39
N LYS B 159 -3.46 4.57 26.30
CA LYS B 159 -4.37 4.84 27.40
C LYS B 159 -5.81 4.78 26.91
N LEU B 160 -6.63 3.95 27.53
CA LEU B 160 -8.06 3.90 27.24
C LEU B 160 -8.77 5.03 27.99
N ILE B 161 -9.68 5.72 27.29
CA ILE B 161 -10.39 6.88 27.85
C ILE B 161 -11.90 6.75 27.66
N ASP B 162 -12.65 7.72 28.21
CA ASP B 162 -14.10 7.82 28.04
C ASP B 162 -14.87 6.58 28.52
N PHE B 163 -15.24 6.59 29.79
CA PHE B 163 -16.03 5.52 30.40
C PHE B 163 -17.46 5.98 30.62
N GLY B 164 -18.01 6.71 29.65
CA GLY B 164 -19.36 7.25 29.77
C GLY B 164 -20.45 6.24 29.49
N LEU B 165 -20.09 5.08 28.94
CA LEU B 165 -21.04 4.00 28.70
C LEU B 165 -20.66 2.72 29.43
N ALA B 166 -19.56 2.75 30.19
CA ALA B 166 -19.07 1.56 30.86
C ALA B 166 -20.07 1.07 31.92
N HIS B 167 -19.93 -0.19 32.35
CA HIS B 167 -20.94 -0.79 33.23
C HIS B 167 -20.40 -1.97 34.05
N GLU B 168 -20.61 -1.92 35.36
CA GLU B 168 -20.37 -3.07 36.22
C GLU B 168 -21.41 -4.15 35.92
N ILE B 169 -20.92 -5.33 35.54
CA ILE B 169 -21.79 -6.42 35.13
C ILE B 169 -22.12 -7.29 36.33
N GLU B 170 -23.41 -7.40 36.62
CA GLU B 170 -23.92 -8.24 37.70
C GLU B 170 -24.38 -9.55 37.09
N ASP B 171 -23.89 -10.66 37.63
CA ASP B 171 -24.27 -11.97 37.11
C ASP B 171 -25.75 -12.19 37.39
N GLY B 172 -26.49 -12.70 36.40
CA GLY B 172 -27.93 -12.92 36.56
C GLY B 172 -28.77 -11.73 36.12
N VAL B 173 -28.39 -10.54 36.59
CA VAL B 173 -29.10 -9.31 36.23
C VAL B 173 -28.92 -9.00 34.74
N GLU B 174 -30.04 -8.93 34.01
CA GLU B 174 -30.03 -8.66 32.58
C GLU B 174 -29.79 -7.18 32.32
N PHE B 175 -28.93 -6.88 31.34
CA PHE B 175 -28.62 -5.51 30.98
C PHE B 175 -28.71 -5.29 29.47
N LYS B 176 -29.86 -4.79 29.03
CA LYS B 176 -30.05 -4.43 27.63
C LYS B 176 -30.04 -2.91 27.47
N ASN B 177 -29.44 -2.44 26.38
CA ASN B 177 -29.44 -1.01 26.04
C ASN B 177 -29.06 -0.81 24.58
N ILE B 178 -29.23 0.41 24.08
CA ILE B 178 -28.84 0.78 22.72
C ILE B 178 -27.97 2.03 22.78
N PHE B 179 -26.70 1.88 22.42
CA PHE B 179 -25.74 2.97 22.49
C PHE B 179 -24.54 2.69 21.59
N GLY B 180 -23.67 3.69 21.47
CA GLY B 180 -22.41 3.54 20.76
C GLY B 180 -22.46 3.99 19.31
N THR B 181 -21.30 3.97 18.67
CA THR B 181 -21.17 4.34 17.28
C THR B 181 -21.37 3.09 16.41
N PRO B 182 -22.43 3.06 15.58
CA PRO B 182 -22.84 1.86 14.85
C PRO B 182 -21.71 1.05 14.24
N GLU B 183 -20.70 1.73 13.72
CA GLU B 183 -19.53 1.09 13.10
C GLU B 183 -18.85 0.05 14.00
N PHE B 184 -18.89 0.26 15.32
CA PHE B 184 -18.12 -0.56 16.26
C PHE B 184 -18.92 -1.42 17.25
N VAL B 185 -20.26 -1.33 17.24
CA VAL B 185 -21.06 -2.08 18.21
C VAL B 185 -21.26 -3.53 17.76
N ALA B 186 -21.40 -4.42 18.74
CA ALA B 186 -21.66 -5.83 18.47
C ALA B 186 -23.13 -6.04 18.10
N PRO B 187 -23.45 -7.18 17.46
CA PRO B 187 -24.82 -7.48 17.04
C PRO B 187 -25.83 -7.45 18.19
N GLU B 188 -25.41 -7.88 19.38
CA GLU B 188 -26.31 -7.90 20.53
C GLU B 188 -26.80 -6.50 20.91
N ILE B 189 -25.96 -5.49 20.71
CA ILE B 189 -26.36 -4.10 20.96
C ILE B 189 -27.42 -3.68 19.94
N VAL B 190 -27.16 -3.95 18.66
CA VAL B 190 -28.10 -3.58 17.60
C VAL B 190 -29.41 -4.36 17.72
N ASN B 191 -29.33 -5.64 18.09
CA ASN B 191 -30.52 -6.49 18.22
C ASN B 191 -31.29 -6.32 19.53
N TYR B 192 -30.82 -5.45 20.42
CA TYR B 192 -31.43 -5.26 21.74
C TYR B 192 -31.55 -6.59 22.46
N GLU B 193 -30.45 -7.34 22.45
CA GLU B 193 -30.32 -8.58 23.20
C GLU B 193 -29.44 -8.28 24.42
N PRO B 194 -29.33 -9.25 25.36
CA PRO B 194 -28.60 -8.97 26.60
C PRO B 194 -27.11 -8.69 26.39
N LEU B 195 -26.59 -7.69 27.09
CA LEU B 195 -25.21 -7.28 26.93
C LEU B 195 -24.32 -7.80 28.06
N GLY B 196 -23.03 -7.92 27.78
CA GLY B 196 -22.05 -8.35 28.77
C GLY B 196 -20.65 -7.93 28.39
N LEU B 197 -19.66 -8.65 28.89
CA LEU B 197 -18.25 -8.38 28.58
C LEU B 197 -17.88 -8.66 27.12
N GLU B 198 -18.67 -9.49 26.45
CA GLU B 198 -18.37 -9.92 25.08
C GLU B 198 -18.38 -8.78 24.06
N ALA B 199 -19.33 -7.86 24.18
CA ALA B 199 -19.42 -6.72 23.26
C ALA B 199 -18.06 -6.03 23.07
N ASP B 200 -17.29 -5.90 24.14
CA ASP B 200 -15.96 -5.30 24.03
C ASP B 200 -15.02 -6.08 23.13
N MET B 201 -15.16 -7.40 23.13
CA MET B 201 -14.29 -8.26 22.32
C MET B 201 -14.60 -8.09 20.84
N TRP B 202 -15.89 -7.96 20.51
CA TRP B 202 -16.30 -7.64 19.14
C TRP B 202 -15.64 -6.35 18.66
N SER B 203 -15.63 -5.34 19.52
CA SER B 203 -15.05 -4.05 19.15
C SER B 203 -13.56 -4.16 18.88
N ILE B 204 -12.85 -4.91 19.73
CA ILE B 204 -11.43 -5.14 19.51
C ILE B 204 -11.19 -5.73 18.12
N GLY B 205 -12.05 -6.67 17.72
CA GLY B 205 -11.99 -7.23 16.37
C GLY B 205 -12.19 -6.18 15.30
N VAL B 206 -13.17 -5.31 15.49
CA VAL B 206 -13.41 -4.23 14.54
C VAL B 206 -12.18 -3.33 14.47
N ILE B 207 -11.69 -2.92 15.63
CA ILE B 207 -10.50 -2.06 15.70
C ILE B 207 -9.28 -2.71 15.02
N THR B 208 -9.02 -3.98 15.32
CA THR B 208 -7.89 -4.69 14.71
C THR B 208 -8.02 -4.77 13.20
N TYR B 209 -9.25 -5.02 12.72
CA TYR B 209 -9.56 -5.04 11.29
C TYR B 209 -9.16 -3.72 10.63
N ILE B 210 -9.48 -2.61 11.27
CA ILE B 210 -9.18 -1.30 10.73
C ILE B 210 -7.68 -1.03 10.82
N LEU B 211 -7.06 -1.42 11.93
CA LEU B 211 -5.62 -1.21 12.16
C LEU B 211 -4.75 -1.88 11.09
N LEU B 212 -5.18 -3.06 10.64
CA LEU B 212 -4.42 -3.86 9.67
C LEU B 212 -4.62 -3.42 8.22
N SER B 213 -5.80 -2.91 7.88
CA SER B 213 -6.17 -2.61 6.49
C SER B 213 -6.47 -1.13 6.25
N GLY B 214 -7.20 -0.51 7.17
CA GLY B 214 -7.68 0.86 7.00
C GLY B 214 -9.14 0.93 6.57
N ALA B 215 -9.64 -0.20 6.07
CA ALA B 215 -11.06 -0.32 5.74
C ALA B 215 -11.81 -0.80 6.98
N SER B 216 -13.09 -0.42 7.07
CA SER B 216 -13.94 -0.80 8.20
C SER B 216 -14.78 -2.01 7.78
N PRO B 217 -14.90 -3.01 8.68
CA PRO B 217 -15.49 -4.29 8.26
C PRO B 217 -17.00 -4.26 7.99
N PHE B 218 -17.75 -3.49 8.77
CA PHE B 218 -19.21 -3.46 8.62
C PHE B 218 -19.77 -2.12 8.16
N LEU B 219 -18.91 -1.12 7.97
CA LEU B 219 -19.36 0.21 7.58
C LEU B 219 -20.06 0.23 6.22
N GLY B 220 -21.30 0.70 6.19
CA GLY B 220 -22.08 0.82 4.95
C GLY B 220 -22.07 2.25 4.45
N ASP B 221 -22.81 2.50 3.36
CA ASP B 221 -22.98 3.87 2.86
C ASP B 221 -23.96 4.64 3.73
N THR B 222 -24.90 3.93 4.36
CA THR B 222 -25.83 4.53 5.32
C THR B 222 -25.78 3.78 6.63
N LYS B 223 -26.42 4.34 7.65
CA LYS B 223 -26.51 3.69 8.95
C LYS B 223 -27.30 2.39 8.84
N GLN B 224 -28.46 2.47 8.18
CA GLN B 224 -29.27 1.29 7.86
C GLN B 224 -28.43 0.14 7.30
N GLU B 225 -27.66 0.42 6.26
CA GLU B 225 -26.76 -0.57 5.67
C GLU B 225 -25.75 -1.12 6.67
N THR B 226 -25.14 -0.23 7.45
CA THR B 226 -24.13 -0.63 8.45
C THR B 226 -24.72 -1.60 9.48
N LEU B 227 -25.89 -1.26 10.00
CA LEU B 227 -26.57 -2.10 10.98
C LEU B 227 -26.92 -3.47 10.41
N ALA B 228 -27.32 -3.51 9.14
CA ALA B 228 -27.64 -4.77 8.47
C ALA B 228 -26.38 -5.63 8.28
N ASN B 229 -25.25 -4.99 8.02
CA ASN B 229 -23.97 -5.70 7.84
C ASN B 229 -23.52 -6.32 9.16
N ILE B 230 -23.69 -5.55 10.23
CA ILE B 230 -23.32 -6.01 11.58
C ILE B 230 -24.16 -7.21 12.02
N THR B 231 -25.47 -7.12 11.80
CA THR B 231 -26.40 -8.14 12.28
C THR B 231 -26.29 -9.47 11.51
N SER B 232 -25.89 -9.39 10.25
CA SER B 232 -25.69 -10.58 9.41
C SER B 232 -24.22 -11.00 9.38
N VAL B 233 -23.37 -10.25 10.09
CA VAL B 233 -21.93 -10.49 10.14
C VAL B 233 -21.33 -10.55 8.72
N SER B 234 -21.65 -9.56 7.91
CA SER B 234 -21.17 -9.52 6.52
C SER B 234 -19.92 -8.68 6.40
N TYR B 235 -18.77 -9.34 6.43
CA TYR B 235 -17.49 -8.68 6.14
C TYR B 235 -16.67 -9.57 5.23
N ASP B 236 -15.57 -9.03 4.70
CA ASP B 236 -14.60 -9.84 3.96
C ASP B 236 -13.17 -9.40 4.24
N PHE B 237 -12.22 -10.23 3.82
CA PHE B 237 -10.82 -9.83 3.77
C PHE B 237 -10.46 -9.58 2.32
N ASP B 238 -11.11 -8.57 1.74
CA ASP B 238 -10.90 -8.16 0.35
C ASP B 238 -9.41 -7.97 0.06
N GLU B 239 -8.88 -8.81 -0.83
CA GLU B 239 -7.45 -8.82 -1.15
C GLU B 239 -6.88 -7.44 -1.55
N GLU B 240 -7.75 -6.49 -1.87
CA GLU B 240 -7.33 -5.11 -2.10
C GLU B 240 -6.67 -4.49 -0.87
N PHE B 241 -7.15 -4.88 0.31
CA PHE B 241 -6.60 -4.36 1.57
C PHE B 241 -5.79 -5.41 2.32
N PHE B 242 -6.20 -6.68 2.24
CA PHE B 242 -5.62 -7.75 3.07
C PHE B 242 -4.67 -8.71 2.33
N SER B 243 -4.01 -8.25 1.27
CA SER B 243 -3.05 -9.09 0.54
C SER B 243 -1.75 -9.32 1.34
N HIS B 244 -1.36 -8.35 2.16
CA HIS B 244 -0.12 -8.44 2.96
C HIS B 244 -0.35 -9.10 4.33
N THR B 245 -1.61 -9.34 4.69
CA THR B 245 -1.95 -9.76 6.05
C THR B 245 -1.78 -11.26 6.24
N SER B 246 -1.31 -11.65 7.42
CA SER B 246 -1.05 -13.04 7.75
C SER B 246 -2.32 -13.80 8.06
N GLU B 247 -2.25 -15.12 8.00
CA GLU B 247 -3.38 -15.99 8.35
C GLU B 247 -3.63 -16.03 9.86
N LEU B 248 -2.59 -15.76 10.64
CA LEU B 248 -2.73 -15.63 12.09
C LEU B 248 -3.59 -14.42 12.45
N ALA B 249 -3.36 -13.30 11.78
CA ALA B 249 -4.12 -12.08 12.03
C ALA B 249 -5.59 -12.22 11.60
N LYS B 250 -5.82 -12.86 10.45
CA LYS B 250 -7.17 -13.10 9.98
C LYS B 250 -7.93 -13.98 10.97
N ASP B 251 -7.26 -15.01 11.49
CA ASP B 251 -7.87 -15.94 12.43
C ASP B 251 -8.34 -15.21 13.70
N PHE B 252 -7.45 -14.41 14.25
CA PHE B 252 -7.72 -13.58 15.42
C PHE B 252 -8.99 -12.75 15.26
N ILE B 253 -9.10 -12.05 14.13
CA ILE B 253 -10.28 -11.23 13.86
C ILE B 253 -11.51 -12.13 13.68
N ARG B 254 -11.36 -13.20 12.92
CA ARG B 254 -12.47 -14.14 12.66
C ARG B 254 -13.12 -14.67 13.92
N LYS B 255 -12.29 -14.99 14.91
CA LYS B 255 -12.77 -15.51 16.18
C LYS B 255 -13.34 -14.43 17.12
N LEU B 256 -13.16 -13.16 16.77
CA LEU B 256 -13.73 -12.04 17.54
C LEU B 256 -15.05 -11.53 16.91
N LEU B 257 -15.11 -11.50 15.57
CA LEU B 257 -16.32 -11.03 14.88
C LEU B 257 -17.31 -12.18 14.69
N VAL B 258 -17.93 -12.58 15.80
CA VAL B 258 -18.75 -13.78 15.88
C VAL B 258 -20.06 -13.43 16.57
N LYS B 259 -21.19 -13.74 15.95
CA LYS B 259 -22.48 -13.30 16.47
C LYS B 259 -22.81 -13.90 17.84
N GLU B 260 -22.54 -15.19 17.99
CA GLU B 260 -22.90 -15.94 19.21
C GLU B 260 -21.95 -15.60 20.34
N THR B 261 -22.47 -14.94 21.38
CA THR B 261 -21.64 -14.32 22.41
C THR B 261 -20.71 -15.31 23.14
N ARG B 262 -21.23 -16.49 23.48
CA ARG B 262 -20.44 -17.50 24.19
C ARG B 262 -19.34 -18.14 23.33
N LYS B 263 -19.56 -18.15 22.02
CA LYS B 263 -18.58 -18.72 21.09
C LYS B 263 -17.43 -17.74 20.85
N ARG B 264 -17.69 -16.46 21.07
CA ARG B 264 -16.70 -15.39 20.88
C ARG B 264 -15.56 -15.53 21.87
N LEU B 265 -14.39 -15.03 21.49
CA LEU B 265 -13.21 -15.05 22.37
C LEU B 265 -13.42 -14.17 23.60
N THR B 266 -13.10 -14.72 24.77
CA THR B 266 -12.98 -13.92 25.98
C THR B 266 -11.62 -13.25 25.94
N ILE B 267 -11.47 -12.17 26.69
CA ILE B 267 -10.21 -11.42 26.71
C ILE B 267 -9.00 -12.34 26.93
N GLN B 268 -9.13 -13.31 27.84
CA GLN B 268 -8.02 -14.25 28.10
C GLN B 268 -7.67 -15.09 26.87
N GLU B 269 -8.69 -15.55 26.16
CA GLU B 269 -8.48 -16.33 24.95
C GLU B 269 -7.80 -15.47 23.87
N ALA B 270 -8.16 -14.19 23.85
CA ALA B 270 -7.56 -13.22 22.94
C ALA B 270 -6.07 -13.03 23.24
N LEU B 271 -5.75 -12.78 24.51
CA LEU B 271 -4.37 -12.62 24.93
C LEU B 271 -3.51 -13.84 24.59
N ARG B 272 -4.12 -15.02 24.60
CA ARG B 272 -3.39 -16.27 24.41
C ARG B 272 -3.36 -16.74 22.95
N HIS B 273 -4.11 -16.08 22.08
CA HIS B 273 -4.15 -16.44 20.65
C HIS B 273 -2.74 -16.37 20.06
N PRO B 274 -2.39 -17.34 19.19
CA PRO B 274 -1.03 -17.37 18.63
C PRO B 274 -0.53 -16.04 18.04
N TRP B 275 -1.43 -15.27 17.43
CA TRP B 275 -1.06 -13.98 16.83
C TRP B 275 -0.56 -12.98 17.89
N ILE B 276 -1.15 -12.99 19.08
CA ILE B 276 -0.73 -12.09 20.16
C ILE B 276 0.43 -12.70 20.94
N THR B 277 0.39 -14.02 21.11
CA THR B 277 1.38 -14.75 21.89
C THR B 277 1.72 -16.03 21.14
N PRO B 278 2.76 -15.99 20.29
CA PRO B 278 3.16 -17.17 19.51
C PRO B 278 3.78 -18.27 20.38
N VAL B 279 3.49 -19.52 20.02
CA VAL B 279 3.97 -20.69 20.76
C VAL B 279 5.28 -21.28 20.22
N ASP B 280 5.71 -20.83 19.05
CA ASP B 280 6.97 -21.27 18.43
C ASP B 280 7.52 -20.20 17.51
N ASN B 281 8.75 -20.41 17.03
CA ASN B 281 9.43 -19.43 16.19
C ASN B 281 8.80 -19.25 14.80
N GLN B 282 8.30 -20.33 14.21
CA GLN B 282 7.67 -20.26 12.89
C GLN B 282 6.54 -19.24 12.85
N GLN B 283 5.79 -19.16 13.94
CA GLN B 283 4.72 -18.17 14.07
C GLN B 283 5.29 -16.76 14.27
N ALA B 284 6.35 -16.65 15.07
CA ALA B 284 6.99 -15.36 15.36
C ALA B 284 7.63 -14.74 14.13
N MET B 285 8.06 -15.57 13.18
CA MET B 285 8.65 -15.08 11.93
C MET B 285 7.57 -14.55 10.99
N VAL B 286 6.52 -15.34 10.77
CA VAL B 286 5.41 -14.92 9.89
C VAL B 286 4.91 -13.55 10.29
N ARG B 287 4.66 -13.38 11.58
CA ARG B 287 4.24 -12.10 12.16
C ARG B 287 5.26 -10.99 11.93
N ARG B 288 6.54 -11.29 12.15
CA ARG B 288 7.60 -10.30 11.98
C ARG B 288 7.83 -9.88 10.52
N GLU B 289 7.49 -10.78 9.58
CA GLU B 289 7.66 -10.54 8.14
C GLU B 289 6.43 -9.93 7.50
N SER B 290 5.26 -10.20 8.06
CA SER B 290 4.01 -9.63 7.57
C SER B 290 3.96 -8.13 7.88
N VAL B 291 3.42 -7.35 6.95
CA VAL B 291 3.34 -5.89 7.12
C VAL B 291 1.93 -5.35 6.86
N VAL B 292 1.66 -4.18 7.44
CA VAL B 292 0.42 -3.46 7.23
C VAL B 292 0.64 -2.44 6.11
N ASN B 293 -0.25 -2.45 5.11
CA ASN B 293 -0.17 -1.49 4.02
C ASN B 293 -0.57 -0.10 4.53
N LEU B 294 0.45 0.71 4.81
CA LEU B 294 0.22 2.04 5.38
C LEU B 294 -0.36 3.03 4.37
N GLU B 295 -0.32 2.68 3.08
CA GLU B 295 -1.01 3.45 2.05
C GLU B 295 -2.51 3.33 2.29
N ASN B 296 -3.02 2.10 2.23
CA ASN B 296 -4.43 1.82 2.46
C ASN B 296 -4.90 2.53 3.73
N PHE B 297 -4.12 2.37 4.80
CA PHE B 297 -4.44 2.96 6.08
C PHE B 297 -4.51 4.48 6.00
N ARG B 298 -3.39 5.13 5.65
CA ARG B 298 -3.32 6.60 5.53
C ARG B 298 -4.46 7.18 4.70
N LYS B 299 -4.68 6.58 3.53
CA LYS B 299 -5.68 7.05 2.58
C LYS B 299 -7.08 7.03 3.19
N GLN B 300 -7.58 5.83 3.51
CA GLN B 300 -8.94 5.70 4.06
C GLN B 300 -8.89 5.97 5.57
N TYR B 301 -8.85 7.26 5.91
CA TYR B 301 -8.59 7.72 7.27
C TYR B 301 -8.58 9.25 7.38
N VAL B 302 -7.92 9.91 6.42
CA VAL B 302 -7.71 11.36 6.46
C VAL B 302 -8.89 12.12 5.84
N GLU C 3 21.41 -15.06 12.41
CA GLU C 3 22.44 -14.29 11.65
C GLU C 3 23.40 -15.20 10.86
N PRO C 4 23.81 -16.34 11.44
CA PRO C 4 24.57 -17.26 10.61
C PRO C 4 23.60 -18.07 9.75
N PHE C 5 24.06 -18.53 8.59
CA PHE C 5 23.20 -19.26 7.69
C PHE C 5 23.00 -20.67 8.23
N LYS C 6 21.82 -21.22 7.98
CA LYS C 6 21.46 -22.55 8.46
C LYS C 6 22.16 -23.63 7.63
N GLN C 7 22.79 -24.57 8.34
CA GLN C 7 23.65 -25.58 7.72
C GLN C 7 22.90 -26.85 7.36
N GLN C 8 21.65 -26.95 7.81
CA GLN C 8 20.80 -28.08 7.48
C GLN C 8 20.39 -28.00 6.01
N LYS C 9 20.08 -29.15 5.44
CA LYS C 9 19.70 -29.24 4.03
C LYS C 9 18.27 -28.71 3.84
N VAL C 10 18.11 -27.76 2.92
CA VAL C 10 16.83 -27.09 2.74
C VAL C 10 15.70 -28.05 2.35
N GLU C 11 16.05 -29.13 1.66
CA GLU C 11 15.06 -30.11 1.20
C GLU C 11 14.40 -30.86 2.37
N ASP C 12 15.13 -30.99 3.47
CA ASP C 12 14.59 -31.59 4.69
C ASP C 12 13.57 -30.70 5.38
N PHE C 13 13.53 -29.41 5.04
CA PHE C 13 12.58 -28.46 5.63
C PHE C 13 11.57 -27.90 4.65
N TYR C 14 11.86 -28.02 3.35
CA TYR C 14 11.01 -27.48 2.30
C TYR C 14 10.77 -28.51 1.20
N ASP C 15 9.51 -28.59 0.75
CA ASP C 15 9.17 -29.30 -0.48
C ASP C 15 9.47 -28.36 -1.64
N ILE C 16 10.51 -28.67 -2.41
CA ILE C 16 10.90 -27.83 -3.55
C ILE C 16 10.15 -28.25 -4.82
N GLY C 17 9.58 -27.27 -5.52
CA GLY C 17 8.76 -27.51 -6.70
C GLY C 17 9.18 -26.72 -7.92
N GLU C 18 8.18 -26.24 -8.66
CA GLU C 18 8.36 -25.68 -10.00
C GLU C 18 9.36 -24.52 -10.06
N GLU C 19 10.19 -24.50 -11.10
CA GLU C 19 11.09 -23.38 -11.33
C GLU C 19 10.29 -22.13 -11.69
N LEU C 20 10.76 -20.96 -11.22
CA LEU C 20 10.09 -19.68 -11.50
C LEU C 20 10.93 -18.79 -12.41
N GLY C 21 12.25 -18.81 -12.24
CA GLY C 21 13.14 -18.02 -13.08
C GLY C 21 14.60 -18.43 -12.92
N SER C 22 15.45 -17.93 -13.81
CA SER C 22 16.85 -18.34 -13.87
C SER C 22 17.69 -17.40 -14.73
N GLY C 23 18.87 -17.07 -14.24
CA GLY C 23 19.77 -16.16 -14.95
C GLY C 23 20.97 -15.79 -14.10
N GLN C 24 22.08 -15.45 -14.75
CA GLN C 24 23.35 -15.20 -14.07
C GLN C 24 23.82 -16.47 -13.34
N PHE C 25 23.70 -16.50 -12.01
CA PHE C 25 24.23 -17.59 -11.19
C PHE C 25 23.22 -18.04 -10.12
N ALA C 26 21.93 -17.83 -10.39
CA ALA C 26 20.89 -18.11 -9.41
C ALA C 26 19.69 -18.75 -10.10
N ILE C 27 19.12 -19.77 -9.45
CA ILE C 27 17.92 -20.45 -9.96
C ILE C 27 16.81 -20.35 -8.92
N VAL C 28 15.71 -19.71 -9.28
CA VAL C 28 14.58 -19.51 -8.37
C VAL C 28 13.56 -20.62 -8.57
N LYS C 29 13.08 -21.17 -7.46
CA LYS C 29 12.07 -22.24 -7.49
C LYS C 29 11.00 -22.01 -6.44
N LYS C 30 9.79 -22.48 -6.73
CA LYS C 30 8.70 -22.49 -5.75
C LYS C 30 8.98 -23.52 -4.67
N CYS C 31 8.74 -23.16 -3.42
CA CYS C 31 8.92 -24.09 -2.32
C CYS C 31 7.91 -23.85 -1.22
N ARG C 32 7.75 -24.85 -0.36
CA ARG C 32 6.78 -24.82 0.73
C ARG C 32 7.43 -25.36 2.00
N GLU C 33 7.37 -24.59 3.08
CA GLU C 33 7.91 -25.02 4.36
C GLU C 33 7.00 -26.11 4.92
N LYS C 34 7.56 -27.30 5.17
CA LYS C 34 6.79 -28.45 5.63
C LYS C 34 6.06 -28.21 6.95
N SER C 35 6.69 -27.46 7.85
CA SER C 35 6.14 -27.22 9.20
C SER C 35 4.93 -26.28 9.25
N THR C 36 4.83 -25.36 8.29
CA THR C 36 3.75 -24.37 8.29
C THR C 36 2.77 -24.50 7.12
N GLY C 37 3.20 -25.10 6.02
CA GLY C 37 2.38 -25.22 4.82
C GLY C 37 2.33 -23.94 3.99
N LEU C 38 3.15 -22.95 4.36
CA LEU C 38 3.19 -21.67 3.65
C LEU C 38 4.21 -21.72 2.52
N GLU C 39 3.85 -21.09 1.39
CA GLU C 39 4.65 -21.14 0.18
C GLU C 39 5.63 -19.98 0.11
N TYR C 40 6.84 -20.28 -0.35
CA TYR C 40 7.91 -19.29 -0.51
C TYR C 40 8.60 -19.48 -1.87
N ALA C 41 9.55 -18.61 -2.18
CA ALA C 41 10.43 -18.80 -3.33
C ALA C 41 11.84 -19.00 -2.81
N ALA C 42 12.52 -20.02 -3.32
CA ALA C 42 13.87 -20.36 -2.90
C ALA C 42 14.85 -19.98 -4.01
N LYS C 43 15.65 -18.94 -3.74
CA LYS C 43 16.66 -18.46 -4.67
C LYS C 43 17.99 -19.16 -4.38
N PHE C 44 18.30 -20.19 -5.16
CA PHE C 44 19.56 -20.91 -5.05
C PHE C 44 20.65 -20.11 -5.74
N ILE C 45 21.60 -19.58 -4.98
CA ILE C 45 22.74 -18.85 -5.54
C ILE C 45 24.01 -19.72 -5.50
N LYS C 46 24.57 -19.98 -6.67
CA LYS C 46 25.78 -20.79 -6.80
C LYS C 46 26.98 -20.03 -6.23
N LYS C 47 27.72 -20.67 -5.32
CA LYS C 47 28.86 -20.05 -4.66
C LYS C 47 30.09 -20.10 -5.54
N ARG C 48 30.87 -19.01 -5.50
CA ARG C 48 32.11 -18.93 -6.27
C ARG C 48 33.15 -19.81 -5.62
N GLN C 49 33.77 -20.68 -6.41
CA GLN C 49 34.72 -21.67 -5.91
C GLN C 49 36.05 -21.02 -5.48
N SER C 50 36.46 -19.96 -6.18
CA SER C 50 37.72 -19.25 -5.89
C SER C 50 37.78 -17.89 -6.59
N ARG C 51 38.91 -17.18 -6.44
CA ARG C 51 39.09 -15.83 -6.98
C ARG C 51 38.65 -15.65 -8.44
N ALA C 52 39.41 -16.25 -9.35
CA ALA C 52 39.20 -16.08 -10.80
C ALA C 52 38.07 -16.94 -11.34
N SER C 53 37.57 -17.87 -10.53
CA SER C 53 36.53 -18.84 -10.93
C SER C 53 35.43 -18.24 -11.83
N ARG C 54 35.09 -19.02 -12.85
CA ARG C 54 34.19 -18.60 -13.92
C ARG C 54 32.75 -18.45 -13.40
N ARG C 55 32.25 -19.54 -12.81
CA ARG C 55 30.89 -19.59 -12.29
C ARG C 55 30.86 -19.17 -10.82
N GLY C 56 29.70 -18.66 -10.40
CA GLY C 56 29.41 -18.45 -8.98
C GLY C 56 29.53 -17.02 -8.48
N VAL C 57 28.70 -16.69 -7.49
CA VAL C 57 28.76 -15.41 -6.79
C VAL C 57 29.70 -15.57 -5.59
N SER C 58 30.48 -14.54 -5.32
CA SER C 58 31.46 -14.59 -4.23
C SER C 58 30.81 -14.51 -2.85
N ARG C 59 31.55 -14.94 -1.84
CA ARG C 59 31.06 -14.95 -0.47
C ARG C 59 30.66 -13.55 -0.01
N GLU C 60 31.50 -12.57 -0.32
CA GLU C 60 31.25 -11.18 0.09
C GLU C 60 29.97 -10.65 -0.54
N GLU C 61 29.78 -10.92 -1.83
CA GLU C 61 28.64 -10.38 -2.58
C GLU C 61 27.31 -11.00 -2.16
N ILE C 62 27.33 -12.25 -1.71
CA ILE C 62 26.14 -12.91 -1.21
C ILE C 62 25.76 -12.36 0.16
N GLU C 63 26.75 -12.24 1.04
CA GLU C 63 26.55 -11.65 2.36
C GLU C 63 26.03 -10.22 2.23
N ARG C 64 26.56 -9.49 1.24
CA ARG C 64 26.11 -8.13 0.97
C ARG C 64 24.60 -8.09 0.67
N GLU C 65 24.15 -9.04 -0.14
CA GLU C 65 22.77 -9.10 -0.58
C GLU C 65 21.82 -9.46 0.57
N VAL C 66 22.20 -10.51 1.30
CA VAL C 66 21.41 -11.00 2.43
C VAL C 66 21.35 -9.93 3.51
N SER C 67 22.48 -9.28 3.74
CA SER C 67 22.59 -8.20 4.73
C SER C 67 21.55 -7.11 4.49
N ILE C 68 21.40 -6.72 3.22
CA ILE C 68 20.46 -5.68 2.83
C ILE C 68 19.01 -6.19 2.92
N LEU C 69 18.76 -7.36 2.34
CA LEU C 69 17.47 -8.02 2.45
C LEU C 69 16.95 -8.09 3.89
N ARG C 70 17.84 -8.33 4.84
CA ARG C 70 17.45 -8.45 6.25
C ARG C 70 17.02 -7.13 6.86
N GLN C 71 17.56 -6.02 6.35
CA GLN C 71 17.21 -4.68 6.86
C GLN C 71 15.89 -4.17 6.32
N VAL C 72 15.44 -4.69 5.18
CA VAL C 72 14.32 -4.09 4.46
C VAL C 72 12.99 -4.77 4.72
N LEU C 73 12.08 -4.01 5.33
CA LEU C 73 10.73 -4.48 5.61
C LEU C 73 9.74 -3.39 5.18
N HIS C 74 9.26 -3.49 3.95
CA HIS C 74 8.34 -2.52 3.38
C HIS C 74 7.35 -3.25 2.46
N HIS C 75 6.15 -2.68 2.32
CA HIS C 75 5.07 -3.36 1.58
C HIS C 75 5.33 -3.48 0.09
N ASN C 76 6.19 -2.60 -0.45
CA ASN C 76 6.55 -2.64 -1.88
C ASN C 76 7.93 -3.24 -2.15
N VAL C 77 8.54 -3.79 -1.10
CA VAL C 77 9.83 -4.47 -1.20
C VAL C 77 9.68 -5.91 -0.76
N ILE C 78 10.26 -6.83 -1.55
CA ILE C 78 10.28 -8.25 -1.24
C ILE C 78 10.94 -8.50 0.12
N THR C 79 10.38 -9.44 0.88
CA THR C 79 10.82 -9.68 2.25
C THR C 79 11.44 -11.07 2.41
N LEU C 80 12.56 -11.12 3.13
CA LEU C 80 13.34 -12.35 3.30
C LEU C 80 12.79 -13.15 4.48
N HIS C 81 12.59 -14.46 4.23
CA HIS C 81 12.10 -15.38 5.26
C HIS C 81 13.27 -16.02 6.00
N ASP C 82 14.23 -16.56 5.27
CA ASP C 82 15.35 -17.29 5.88
C ASP C 82 16.53 -17.47 4.92
N VAL C 83 17.62 -18.04 5.41
CA VAL C 83 18.81 -18.30 4.59
C VAL C 83 19.46 -19.64 4.96
N TYR C 84 19.68 -20.47 3.95
CA TYR C 84 20.33 -21.78 4.12
C TYR C 84 21.65 -21.82 3.35
N GLU C 85 22.51 -22.77 3.68
CA GLU C 85 23.79 -22.93 3.01
C GLU C 85 24.21 -24.40 2.95
N ASN C 86 24.95 -24.77 1.92
CA ASN C 86 25.58 -26.09 1.84
C ASN C 86 26.97 -25.98 1.20
N ARG C 87 27.51 -27.08 0.70
CA ARG C 87 28.78 -27.06 -0.02
C ARG C 87 28.75 -26.11 -1.23
N THR C 88 27.71 -26.26 -2.05
CA THR C 88 27.68 -25.66 -3.38
C THR C 88 26.95 -24.31 -3.45
N ASP C 89 25.76 -24.23 -2.86
CA ASP C 89 24.91 -23.03 -3.00
C ASP C 89 24.65 -22.29 -1.68
N VAL C 90 24.08 -21.10 -1.79
CA VAL C 90 23.42 -20.43 -0.68
C VAL C 90 21.98 -20.20 -1.11
N VAL C 91 21.03 -20.60 -0.27
CA VAL C 91 19.62 -20.58 -0.64
C VAL C 91 18.85 -19.55 0.16
N LEU C 92 18.47 -18.45 -0.49
CA LEU C 92 17.61 -17.43 0.10
C LEU C 92 16.14 -17.82 -0.07
N ILE C 93 15.44 -18.05 1.05
CA ILE C 93 13.99 -18.30 1.03
C ILE C 93 13.27 -16.96 1.13
N LEU C 94 12.50 -16.61 0.10
CA LEU C 94 11.93 -15.28 -0.06
C LEU C 94 10.39 -15.30 -0.19
N GLU C 95 9.77 -14.19 0.21
CA GLU C 95 8.33 -13.98 0.01
C GLU C 95 7.98 -14.37 -1.43
N LEU C 96 6.99 -15.24 -1.59
CA LEU C 96 6.56 -15.66 -2.92
C LEU C 96 5.74 -14.54 -3.55
N VAL C 97 6.23 -14.02 -4.67
CA VAL C 97 5.51 -12.99 -5.43
C VAL C 97 5.09 -13.59 -6.77
N SER C 98 3.84 -14.04 -6.84
CA SER C 98 3.36 -14.89 -7.93
C SER C 98 2.48 -14.18 -8.98
N GLY C 99 2.35 -12.86 -8.89
CA GLY C 99 1.49 -12.10 -9.79
C GLY C 99 2.07 -11.83 -11.17
N GLY C 100 3.35 -12.13 -11.37
CA GLY C 100 4.02 -11.88 -12.65
C GLY C 100 4.72 -10.53 -12.67
N GLU C 101 5.12 -10.09 -13.85
CA GLU C 101 5.72 -8.77 -14.03
C GLU C 101 4.65 -7.72 -14.28
N LEU C 102 4.95 -6.48 -13.91
CA LEU C 102 3.99 -5.37 -14.05
C LEU C 102 3.58 -5.14 -15.50
N PHE C 103 4.58 -5.09 -16.38
CA PHE C 103 4.36 -4.81 -17.80
C PHE C 103 3.51 -5.87 -18.50
N ASP C 104 3.55 -7.11 -18.01
CA ASP C 104 2.69 -8.17 -18.57
C ASP C 104 1.23 -7.94 -18.18
N PHE C 105 1.01 -7.47 -16.96
CA PHE C 105 -0.35 -7.14 -16.50
C PHE C 105 -0.91 -5.97 -17.28
N LEU C 106 -0.10 -4.91 -17.42
CA LEU C 106 -0.54 -3.74 -18.17
C LEU C 106 -0.93 -4.07 -19.60
N ALA C 107 -0.23 -5.04 -20.20
CA ALA C 107 -0.51 -5.44 -21.60
C ALA C 107 -1.80 -6.26 -21.77
N GLN C 108 -2.56 -6.43 -20.70
CA GLN C 108 -3.81 -7.21 -20.72
C GLN C 108 -5.05 -6.34 -20.53
N LYS C 109 -4.88 -5.10 -20.11
CA LYS C 109 -6.01 -4.20 -19.84
C LYS C 109 -6.63 -3.70 -21.13
N GLU C 110 -7.89 -3.25 -21.04
CA GLU C 110 -8.57 -2.62 -22.18
C GLU C 110 -7.98 -1.24 -22.42
N SER C 111 -7.81 -0.48 -21.34
CA SER C 111 -7.17 0.83 -21.38
C SER C 111 -6.47 1.14 -20.08
N LEU C 112 -5.66 2.19 -20.09
CA LEU C 112 -4.86 2.58 -18.93
C LEU C 112 -4.69 4.09 -18.93
N SER C 113 -5.31 4.75 -17.94
CA SER C 113 -5.14 6.19 -17.78
C SER C 113 -3.81 6.47 -17.11
N GLU C 114 -3.33 7.70 -17.25
CA GLU C 114 -2.10 8.10 -16.59
C GLU C 114 -2.31 8.10 -15.08
N GLU C 115 -3.54 8.32 -14.65
CA GLU C 115 -3.89 8.20 -13.23
C GLU C 115 -3.57 6.80 -12.75
N GLU C 116 -4.03 5.79 -13.48
CA GLU C 116 -3.69 4.40 -13.16
C GLU C 116 -2.18 4.23 -13.25
N ALA C 117 -1.58 4.75 -14.32
CA ALA C 117 -0.14 4.67 -14.51
C ALA C 117 0.64 5.21 -13.31
N THR C 118 0.22 6.35 -12.76
CA THR C 118 0.91 6.94 -11.61
C THR C 118 0.71 6.14 -10.33
N SER C 119 -0.45 5.48 -10.20
CA SER C 119 -0.69 4.65 -9.02
C SER C 119 0.35 3.51 -8.95
N PHE C 120 0.65 2.91 -10.09
CA PHE C 120 1.70 1.89 -10.15
C PHE C 120 3.08 2.50 -9.92
N ILE C 121 3.35 3.66 -10.53
CA ILE C 121 4.66 4.30 -10.37
C ILE C 121 4.88 4.73 -8.92
N LYS C 122 3.84 5.22 -8.27
CA LYS C 122 3.97 5.68 -6.89
C LYS C 122 4.37 4.53 -5.95
N GLN C 123 3.89 3.32 -6.22
CA GLN C 123 4.28 2.14 -5.44
C GLN C 123 5.77 1.88 -5.57
N ILE C 124 6.28 2.05 -6.79
CA ILE C 124 7.71 1.88 -7.06
C ILE C 124 8.47 2.98 -6.31
N LEU C 125 8.03 4.21 -6.47
CA LEU C 125 8.61 5.36 -5.78
C LEU C 125 8.61 5.15 -4.27
N ASP C 126 7.53 4.58 -3.74
CA ASP C 126 7.39 4.38 -2.30
C ASP C 126 8.48 3.45 -1.77
N GLY C 127 8.63 2.31 -2.43
CA GLY C 127 9.66 1.33 -2.07
C GLY C 127 11.05 1.92 -2.22
N VAL C 128 11.30 2.59 -3.33
CA VAL C 128 12.59 3.22 -3.57
C VAL C 128 12.89 4.24 -2.48
N ASN C 129 11.89 5.03 -2.10
CA ASN C 129 12.05 5.99 -1.01
C ASN C 129 12.41 5.31 0.32
N TYR C 130 11.82 4.15 0.58
CA TYR C 130 12.17 3.39 1.77
C TYR C 130 13.64 3.00 1.74
N LEU C 131 14.08 2.46 0.61
CA LEU C 131 15.47 2.06 0.43
C LEU C 131 16.41 3.28 0.50
N HIS C 132 16.00 4.37 -0.13
CA HIS C 132 16.82 5.58 -0.20
C HIS C 132 16.96 6.29 1.13
N THR C 133 15.91 6.25 1.95
CA THR C 133 15.97 6.80 3.29
C THR C 133 17.00 6.04 4.13
N LYS C 134 17.16 4.75 3.85
CA LYS C 134 18.15 3.91 4.54
C LYS C 134 19.51 3.89 3.82
N LYS C 135 19.71 4.81 2.88
CA LYS C 135 20.95 4.87 2.11
C LYS C 135 21.27 3.53 1.46
N ILE C 136 20.28 2.98 0.78
CA ILE C 136 20.44 1.76 -0.02
C ILE C 136 19.99 2.07 -1.44
N ALA C 137 20.89 1.84 -2.39
CA ALA C 137 20.59 1.91 -3.81
C ALA C 137 20.34 0.51 -4.32
N HIS C 138 19.34 0.36 -5.18
CA HIS C 138 18.95 -0.93 -5.74
C HIS C 138 19.87 -1.28 -6.90
N PHE C 139 20.14 -0.31 -7.76
CA PHE C 139 21.11 -0.44 -8.87
C PHE C 139 20.72 -1.45 -9.94
N ASP C 140 19.45 -1.84 -9.98
CA ASP C 140 18.98 -2.76 -11.01
C ASP C 140 17.48 -2.64 -11.29
N LEU C 141 16.95 -1.42 -11.14
CA LEU C 141 15.53 -1.16 -11.39
C LEU C 141 15.20 -1.29 -12.88
N LYS C 142 14.32 -2.23 -13.20
CA LYS C 142 13.90 -2.47 -14.57
C LYS C 142 12.59 -3.24 -14.54
N PRO C 143 11.82 -3.22 -15.64
CA PRO C 143 10.50 -3.84 -15.63
C PRO C 143 10.45 -5.27 -15.06
N GLU C 144 11.43 -6.11 -15.37
CA GLU C 144 11.38 -7.52 -14.94
C GLU C 144 11.72 -7.70 -13.44
N ASN C 145 12.26 -6.66 -12.80
CA ASN C 145 12.45 -6.65 -11.35
C ASN C 145 11.30 -5.95 -10.62
N ILE C 146 10.24 -5.61 -11.36
CA ILE C 146 9.03 -5.05 -10.77
C ILE C 146 7.92 -6.08 -10.96
N MET C 147 7.57 -6.77 -9.87
CA MET C 147 6.61 -7.86 -9.92
C MET C 147 5.34 -7.49 -9.15
N LEU C 148 4.29 -8.28 -9.37
CA LEU C 148 3.01 -8.09 -8.69
C LEU C 148 2.73 -9.24 -7.74
N LEU C 149 2.07 -8.94 -6.62
CA LEU C 149 1.65 -9.99 -5.69
C LEU C 149 0.51 -10.82 -6.27
N ASP C 150 -0.66 -10.20 -6.42
CA ASP C 150 -1.83 -10.86 -6.98
C ASP C 150 -2.31 -10.09 -8.20
N LYS C 151 -2.47 -10.79 -9.32
CA LYS C 151 -2.90 -10.18 -10.58
C LYS C 151 -4.43 -10.23 -10.77
N ASN C 152 -5.14 -10.84 -9.82
CA ASN C 152 -6.59 -10.96 -9.87
C ASN C 152 -7.31 -9.95 -8.94
N ILE C 153 -6.80 -8.72 -8.91
CA ILE C 153 -7.43 -7.62 -8.17
C ILE C 153 -7.40 -6.35 -9.03
N PRO C 154 -8.26 -5.36 -8.73
CA PRO C 154 -8.34 -4.15 -9.55
C PRO C 154 -7.01 -3.39 -9.71
N ILE C 155 -6.32 -3.12 -8.60
CA ILE C 155 -5.04 -2.41 -8.64
C ILE C 155 -3.97 -3.21 -7.90
N PRO C 156 -3.33 -4.16 -8.60
CA PRO C 156 -2.33 -5.07 -8.01
C PRO C 156 -1.18 -4.36 -7.30
N HIS C 157 -0.58 -5.03 -6.33
CA HIS C 157 0.44 -4.43 -5.48
C HIS C 157 1.85 -4.86 -5.86
N ILE C 158 2.70 -3.87 -6.08
CA ILE C 158 4.03 -4.07 -6.63
C ILE C 158 5.03 -4.46 -5.56
N LYS C 159 5.87 -5.44 -5.87
CA LYS C 159 7.02 -5.81 -5.04
C LYS C 159 8.30 -5.68 -5.85
N LEU C 160 9.22 -4.85 -5.38
CA LEU C 160 10.56 -4.76 -5.98
C LEU C 160 11.34 -6.02 -5.58
N ILE C 161 11.98 -6.66 -6.54
CA ILE C 161 12.73 -7.89 -6.30
C ILE C 161 14.18 -7.76 -6.75
N ASP C 162 14.99 -8.77 -6.45
CA ASP C 162 16.35 -8.91 -6.99
C ASP C 162 17.29 -7.82 -6.50
N PHE C 163 17.92 -8.06 -5.34
CA PHE C 163 18.87 -7.13 -4.75
C PHE C 163 20.32 -7.63 -4.90
N GLY C 164 20.62 -8.26 -6.03
CA GLY C 164 21.96 -8.77 -6.30
C GLY C 164 22.99 -7.72 -6.66
N LEU C 165 22.55 -6.53 -7.04
CA LEU C 165 23.45 -5.41 -7.31
C LEU C 165 23.32 -4.29 -6.28
N ALA C 166 22.38 -4.45 -5.35
CA ALA C 166 22.11 -3.41 -4.36
C ALA C 166 23.33 -3.11 -3.49
N HIS C 167 23.45 -1.86 -3.05
CA HIS C 167 24.65 -1.42 -2.32
C HIS C 167 24.35 -0.29 -1.34
N GLU C 168 24.88 -0.43 -0.13
CA GLU C 168 24.77 0.62 0.89
C GLU C 168 25.76 1.72 0.59
N ILE C 169 25.25 2.95 0.50
CA ILE C 169 26.06 4.12 0.21
C ILE C 169 26.61 4.67 1.51
N GLU C 170 27.91 4.53 1.71
CA GLU C 170 28.56 5.09 2.90
C GLU C 170 29.00 6.51 2.59
N ASP C 171 28.91 7.38 3.60
CA ASP C 171 29.25 8.79 3.42
C ASP C 171 30.73 8.91 3.05
N GLY C 172 30.99 9.57 1.92
CA GLY C 172 32.35 9.84 1.48
C GLY C 172 33.18 8.64 1.01
N VAL C 173 32.57 7.46 0.94
CA VAL C 173 33.21 6.30 0.32
C VAL C 173 32.80 6.24 -1.14
N GLU C 174 33.79 6.20 -2.03
CA GLU C 174 33.57 6.30 -3.47
C GLU C 174 33.29 4.92 -4.08
N PHE C 175 32.20 4.84 -4.84
CA PHE C 175 31.74 3.57 -5.41
C PHE C 175 31.58 3.68 -6.92
N LYS C 176 32.57 3.20 -7.65
CA LYS C 176 32.51 3.15 -9.11
C LYS C 176 32.44 1.68 -9.54
N ASN C 177 31.54 1.36 -10.46
CA ASN C 177 31.38 -0.01 -10.95
C ASN C 177 30.60 -0.04 -12.27
N ILE C 178 30.73 -1.13 -13.00
CA ILE C 178 30.02 -1.32 -14.27
C ILE C 178 29.12 -2.54 -14.13
N PHE C 179 27.81 -2.32 -14.23
CA PHE C 179 26.85 -3.39 -14.04
C PHE C 179 25.49 -3.04 -14.65
N GLY C 180 24.60 -4.02 -14.63
CA GLY C 180 23.21 -3.80 -15.02
C GLY C 180 22.97 -4.01 -16.49
N THR C 181 21.69 -3.95 -16.86
CA THR C 181 21.27 -4.08 -18.24
C THR C 181 21.46 -2.74 -18.94
N PRO C 182 22.26 -2.72 -20.02
CA PRO C 182 22.62 -1.48 -20.71
C PRO C 182 21.45 -0.51 -20.87
N GLU C 183 20.32 -1.03 -21.33
CA GLU C 183 19.13 -0.23 -21.62
C GLU C 183 18.69 0.69 -20.47
N PHE C 184 18.96 0.28 -19.23
CA PHE C 184 18.39 0.95 -18.05
C PHE C 184 19.38 1.69 -17.15
N VAL C 185 20.67 1.68 -17.49
CA VAL C 185 21.68 2.26 -16.61
C VAL C 185 21.87 3.76 -16.83
N ALA C 186 22.25 4.45 -15.76
CA ALA C 186 22.54 5.89 -15.83
C ALA C 186 23.91 6.12 -16.48
N PRO C 187 24.10 7.32 -17.06
CA PRO C 187 25.39 7.74 -17.61
C PRO C 187 26.58 7.47 -16.69
N GLU C 188 26.44 7.76 -15.41
CA GLU C 188 27.56 7.57 -14.46
C GLU C 188 28.08 6.12 -14.43
N ILE C 189 27.18 5.16 -14.62
CA ILE C 189 27.57 3.75 -14.69
C ILE C 189 28.35 3.51 -15.98
N VAL C 190 27.78 3.93 -17.10
CA VAL C 190 28.43 3.73 -18.41
C VAL C 190 29.75 4.48 -18.51
N ASN C 191 29.83 5.67 -17.90
CA ASN C 191 31.05 6.46 -17.90
C ASN C 191 32.06 6.07 -16.81
N TYR C 192 31.68 5.16 -15.92
CA TYR C 192 32.55 4.74 -14.82
C TYR C 192 32.87 5.94 -13.94
N GLU C 193 31.81 6.61 -13.49
CA GLU C 193 31.92 7.78 -12.64
C GLU C 193 31.33 7.42 -11.27
N PRO C 194 31.54 8.29 -10.25
CA PRO C 194 31.02 8.00 -8.92
C PRO C 194 29.51 7.72 -8.88
N LEU C 195 29.13 6.61 -8.26
CA LEU C 195 27.74 6.19 -8.20
C LEU C 195 27.12 6.51 -6.86
N GLY C 196 25.79 6.63 -6.85
CA GLY C 196 25.05 6.92 -5.63
C GLY C 196 23.60 6.58 -5.82
N LEU C 197 22.73 7.23 -5.03
CA LEU C 197 21.28 6.99 -5.07
C LEU C 197 20.60 7.55 -6.33
N GLU C 198 21.33 8.32 -7.12
CA GLU C 198 20.73 9.02 -8.26
C GLU C 198 20.45 8.07 -9.42
N ALA C 199 21.27 7.03 -9.57
CA ALA C 199 21.13 6.06 -10.67
C ALA C 199 19.74 5.44 -10.71
N ASP C 200 19.20 5.10 -9.54
CA ASP C 200 17.84 4.56 -9.42
C ASP C 200 16.80 5.51 -9.99
N MET C 201 17.02 6.81 -9.84
CA MET C 201 16.06 7.80 -10.31
C MET C 201 16.07 7.90 -11.83
N TRP C 202 17.23 7.63 -12.43
CA TRP C 202 17.35 7.58 -13.88
C TRP C 202 16.57 6.37 -14.41
N SER C 203 16.77 5.22 -13.78
CA SER C 203 16.06 4.00 -14.14
C SER C 203 14.55 4.16 -14.08
N ILE C 204 14.08 4.89 -13.06
CA ILE C 204 12.66 5.19 -12.92
C ILE C 204 12.16 6.05 -14.09
N GLY C 205 12.98 6.99 -14.55
CA GLY C 205 12.67 7.76 -15.72
C GLY C 205 12.46 6.86 -16.93
N VAL C 206 13.38 5.92 -17.12
CA VAL C 206 13.32 4.99 -18.24
C VAL C 206 12.08 4.08 -18.14
N ILE C 207 11.87 3.50 -16.96
CA ILE C 207 10.73 2.62 -16.75
C ILE C 207 9.44 3.37 -17.02
N THR C 208 9.38 4.63 -16.56
CA THR C 208 8.20 5.46 -16.79
C THR C 208 8.04 5.77 -18.26
N TYR C 209 9.14 6.10 -18.93
CA TYR C 209 9.12 6.36 -20.38
C TYR C 209 8.49 5.19 -21.14
N ILE C 210 8.98 3.97 -20.90
CA ILE C 210 8.49 2.79 -21.60
C ILE C 210 7.02 2.51 -21.29
N LEU C 211 6.65 2.67 -20.02
CA LEU C 211 5.29 2.38 -19.56
C LEU C 211 4.27 3.25 -20.29
N LEU C 212 4.60 4.53 -20.46
CA LEU C 212 3.69 5.46 -21.14
C LEU C 212 3.65 5.30 -22.66
N SER C 213 4.67 4.68 -23.25
CA SER C 213 4.79 4.67 -24.72
C SER C 213 4.91 3.28 -25.34
N GLY C 214 5.88 2.50 -24.87
CA GLY C 214 6.21 1.23 -25.50
C GLY C 214 7.56 1.31 -26.17
N ALA C 215 8.01 2.54 -26.44
CA ALA C 215 9.37 2.78 -26.91
C ALA C 215 10.31 2.87 -25.72
N SER C 216 11.60 2.65 -25.96
CA SER C 216 12.61 2.78 -24.93
C SER C 216 13.50 3.99 -25.25
N PRO C 217 13.77 4.83 -24.24
CA PRO C 217 14.34 6.16 -24.49
C PRO C 217 15.72 6.19 -25.15
N PHE C 218 16.57 5.22 -24.84
CA PHE C 218 17.95 5.21 -25.37
C PHE C 218 18.35 3.95 -26.13
N LEU C 219 17.43 2.98 -26.24
CA LEU C 219 17.73 1.71 -26.87
C LEU C 219 18.13 1.86 -28.33
N GLY C 220 19.32 1.37 -28.67
CA GLY C 220 19.77 1.32 -30.06
C GLY C 220 19.65 -0.09 -30.60
N ASP C 221 20.18 -0.31 -31.79
CA ASP C 221 20.19 -1.64 -32.41
C ASP C 221 21.31 -2.54 -31.89
N THR C 222 22.26 -1.95 -31.17
CA THR C 222 23.38 -2.70 -30.58
C THR C 222 23.80 -2.03 -29.29
N LYS C 223 24.63 -2.72 -28.50
CA LYS C 223 25.11 -2.19 -27.23
C LYS C 223 25.92 -0.90 -27.45
N GLN C 224 26.71 -0.86 -28.52
CA GLN C 224 27.49 0.32 -28.84
C GLN C 224 26.58 1.54 -28.97
N GLU C 225 25.54 1.40 -29.78
CA GLU C 225 24.57 2.48 -30.01
C GLU C 225 23.85 2.90 -28.74
N THR C 226 23.38 1.92 -27.98
CA THR C 226 22.65 2.19 -26.74
C THR C 226 23.52 2.97 -25.74
N LEU C 227 24.77 2.57 -25.57
CA LEU C 227 25.69 3.23 -24.63
C LEU C 227 25.98 4.69 -25.00
N ALA C 228 26.12 4.98 -26.28
CA ALA C 228 26.39 6.34 -26.74
C ALA C 228 25.18 7.25 -26.51
N ASN C 229 23.99 6.77 -26.86
CA ASN C 229 22.74 7.52 -26.67
C ASN C 229 22.61 7.96 -25.22
N ILE C 230 22.88 7.03 -24.31
CA ILE C 230 22.81 7.28 -22.87
C ILE C 230 23.80 8.36 -22.45
N THR C 231 25.06 8.21 -22.85
CA THR C 231 26.10 9.16 -22.45
C THR C 231 25.92 10.55 -23.08
N SER C 232 25.19 10.60 -24.20
CA SER C 232 24.84 11.86 -24.86
C SER C 232 23.44 12.33 -24.49
N VAL C 233 22.71 11.51 -23.73
CA VAL C 233 21.33 11.79 -23.34
C VAL C 233 20.49 12.12 -24.58
N SER C 234 20.52 11.22 -25.55
CA SER C 234 19.81 11.39 -26.81
C SER C 234 18.50 10.61 -26.80
N TYR C 235 17.44 11.28 -26.39
CA TYR C 235 16.09 10.76 -26.47
C TYR C 235 15.15 11.89 -26.85
N ASP C 236 14.00 11.54 -27.40
CA ASP C 236 12.95 12.52 -27.70
C ASP C 236 11.59 11.99 -27.24
N PHE C 237 10.57 12.83 -27.39
CA PHE C 237 9.18 12.39 -27.21
C PHE C 237 8.50 12.47 -28.56
N ASP C 238 8.78 11.48 -29.41
CA ASP C 238 8.26 11.51 -30.78
C ASP C 238 6.77 11.25 -30.81
N GLU C 239 6.06 12.04 -31.60
CA GLU C 239 4.60 12.03 -31.63
C GLU C 239 4.01 10.68 -32.06
N GLU C 240 4.81 9.87 -32.76
CA GLU C 240 4.40 8.50 -33.08
C GLU C 240 4.04 7.73 -31.81
N PHE C 241 4.68 8.07 -30.70
CA PHE C 241 4.51 7.35 -29.44
C PHE C 241 3.88 8.17 -28.30
N PHE C 242 4.04 9.49 -28.32
CA PHE C 242 3.62 10.35 -27.21
C PHE C 242 2.56 11.41 -27.56
N SER C 243 1.70 11.11 -28.54
CA SER C 243 0.62 12.04 -28.89
C SER C 243 -0.47 12.08 -27.81
N HIS C 244 -0.63 10.98 -27.08
CA HIS C 244 -1.60 10.91 -25.98
C HIS C 244 -1.07 11.48 -24.66
N THR C 245 0.26 11.62 -24.55
CA THR C 245 0.89 11.92 -23.27
C THR C 245 0.81 13.39 -22.84
N SER C 246 0.47 13.60 -21.57
CA SER C 246 0.36 14.96 -21.01
C SER C 246 1.74 15.57 -20.77
N GLU C 247 1.77 16.88 -20.56
CA GLU C 247 3.05 17.56 -20.33
C GLU C 247 3.60 17.24 -18.95
N LEU C 248 2.71 17.09 -17.97
CA LEU C 248 3.11 16.67 -16.63
C LEU C 248 3.85 15.33 -16.66
N ALA C 249 3.40 14.43 -17.52
CA ALA C 249 4.07 13.14 -17.70
C ALA C 249 5.46 13.36 -18.27
N LYS C 250 5.53 14.11 -19.36
CA LYS C 250 6.80 14.44 -19.99
C LYS C 250 7.74 15.15 -19.01
N ASP C 251 7.19 16.12 -18.28
CA ASP C 251 8.00 16.93 -17.37
C ASP C 251 8.65 16.06 -16.32
N PHE C 252 7.88 15.14 -15.75
CA PHE C 252 8.38 14.15 -14.81
C PHE C 252 9.58 13.39 -15.38
N ILE C 253 9.41 12.81 -16.56
CA ILE C 253 10.48 12.06 -17.22
C ILE C 253 11.67 12.97 -17.50
N ARG C 254 11.37 14.11 -18.12
CA ARG C 254 12.40 15.10 -18.50
C ARG C 254 13.39 15.40 -17.36
N LYS C 255 12.89 15.52 -16.14
CA LYS C 255 13.72 15.85 -14.97
C LYS C 255 14.46 14.64 -14.39
N LEU C 256 13.99 13.43 -14.69
CA LEU C 256 14.67 12.21 -14.26
C LEU C 256 15.82 11.86 -15.20
N LEU C 257 15.59 11.98 -16.50
CA LEU C 257 16.62 11.66 -17.50
C LEU C 257 17.53 12.86 -17.72
N VAL C 258 18.47 13.05 -16.79
CA VAL C 258 19.38 14.19 -16.80
C VAL C 258 20.77 13.69 -16.40
N LYS C 259 21.82 14.11 -17.13
CA LYS C 259 23.18 13.62 -16.88
C LYS C 259 23.68 14.00 -15.48
N GLU C 260 23.70 15.30 -15.17
CA GLU C 260 24.28 15.76 -13.92
C GLU C 260 23.43 15.28 -12.74
N THR C 261 24.04 14.47 -11.89
CA THR C 261 23.34 13.77 -10.80
C THR C 261 22.67 14.74 -9.83
N ARG C 262 23.29 15.89 -9.59
CA ARG C 262 22.78 16.88 -8.65
C ARG C 262 21.51 17.57 -9.17
N LYS C 263 21.43 17.76 -10.49
CA LYS C 263 20.25 18.37 -11.11
C LYS C 263 19.09 17.38 -11.23
N ARG C 264 19.40 16.10 -11.22
CA ARG C 264 18.39 15.06 -11.33
C ARG C 264 17.52 15.03 -10.09
N LEU C 265 16.23 14.70 -10.27
CA LEU C 265 15.32 14.62 -9.13
C LEU C 265 15.75 13.54 -8.15
N THR C 266 15.61 13.82 -6.87
CA THR C 266 15.72 12.80 -5.84
C THR C 266 14.34 12.17 -5.68
N ILE C 267 14.27 11.09 -4.92
CA ILE C 267 13.02 10.35 -4.77
C ILE C 267 11.92 11.19 -4.09
N GLN C 268 12.31 12.07 -3.16
CA GLN C 268 11.35 12.95 -2.48
C GLN C 268 10.76 13.95 -3.47
N GLU C 269 11.63 14.51 -4.30
CA GLU C 269 11.25 15.44 -5.36
C GLU C 269 10.31 14.77 -6.34
N ALA C 270 10.59 13.50 -6.67
CA ALA C 270 9.75 12.71 -7.57
C ALA C 270 8.34 12.48 -7.01
N LEU C 271 8.25 12.08 -5.75
CA LEU C 271 6.97 11.89 -5.08
C LEU C 271 6.14 13.19 -5.00
N ARG C 272 6.82 14.31 -4.75
CA ARG C 272 6.16 15.62 -4.67
C ARG C 272 5.81 16.22 -6.03
N HIS C 273 6.21 15.56 -7.11
CA HIS C 273 5.99 16.08 -8.46
C HIS C 273 4.50 16.02 -8.81
N PRO C 274 3.96 17.12 -9.39
CA PRO C 274 2.50 17.22 -9.60
C PRO C 274 1.86 16.13 -10.49
N TRP C 275 2.68 15.40 -11.26
CA TRP C 275 2.18 14.25 -11.99
C TRP C 275 1.90 13.08 -11.04
N ILE C 276 2.74 12.92 -10.01
CA ILE C 276 2.51 11.92 -8.97
C ILE C 276 1.53 12.44 -7.92
N THR C 277 1.66 13.72 -7.58
CA THR C 277 0.88 14.33 -6.51
C THR C 277 0.28 15.66 -6.96
N PRO C 278 -0.85 15.61 -7.68
CA PRO C 278 -1.54 16.79 -8.18
C PRO C 278 -1.90 17.76 -7.07
N VAL C 279 -1.55 19.03 -7.28
CA VAL C 279 -1.81 20.09 -6.31
C VAL C 279 -3.19 20.74 -6.47
N ASP C 280 -3.85 20.50 -7.61
CA ASP C 280 -5.22 20.98 -7.85
C ASP C 280 -6.01 19.97 -8.67
N ASN C 281 -7.29 20.25 -8.89
CA ASN C 281 -8.16 19.35 -9.64
C ASN C 281 -7.95 19.44 -11.15
N GLN C 282 -7.55 20.62 -11.61
CA GLN C 282 -7.18 20.82 -13.01
C GLN C 282 -6.17 19.76 -13.43
N GLN C 283 -5.08 19.67 -12.69
CA GLN C 283 -4.05 18.65 -12.92
C GLN C 283 -4.60 17.23 -12.77
N ALA C 284 -5.53 17.05 -11.84
CA ALA C 284 -6.16 15.76 -11.59
C ALA C 284 -6.97 15.28 -12.78
N MET C 285 -7.76 16.19 -13.36
CA MET C 285 -8.61 15.87 -14.51
C MET C 285 -7.78 15.55 -15.75
N VAL C 286 -6.72 16.32 -15.98
CA VAL C 286 -5.81 16.08 -17.10
C VAL C 286 -5.20 14.68 -17.03
N ARG C 287 -4.78 14.28 -15.83
CA ARG C 287 -4.15 12.98 -15.61
C ARG C 287 -5.15 11.84 -15.83
N ARG C 288 -6.35 12.02 -15.29
CA ARG C 288 -7.45 11.05 -15.45
C ARG C 288 -7.91 10.90 -16.91
N GLU C 289 -7.85 12.00 -17.67
CA GLU C 289 -8.28 12.02 -19.08
C GLU C 289 -7.21 11.52 -20.05
N SER C 290 -5.94 11.78 -19.75
CA SER C 290 -4.83 11.35 -20.60
C SER C 290 -4.65 9.84 -20.50
N VAL C 291 -4.60 9.17 -21.65
CA VAL C 291 -4.44 7.71 -21.67
C VAL C 291 -3.07 7.31 -22.18
N VAL C 292 -2.77 6.03 -22.04
CA VAL C 292 -1.55 5.43 -22.59
C VAL C 292 -1.93 4.71 -23.89
N ASN C 293 -1.01 4.72 -24.87
CA ASN C 293 -1.23 3.97 -26.09
C ASN C 293 -0.88 2.50 -25.86
N LEU C 294 -1.86 1.74 -25.38
CA LEU C 294 -1.64 0.33 -25.07
C LEU C 294 -1.26 -0.47 -26.31
N GLU C 295 -1.71 -0.05 -27.48
CA GLU C 295 -1.38 -0.77 -28.71
C GLU C 295 0.13 -0.80 -29.00
N ASN C 296 0.81 0.33 -28.85
CA ASN C 296 2.26 0.36 -29.02
C ASN C 296 2.97 -0.36 -27.86
N PHE C 297 2.41 -0.22 -26.65
CA PHE C 297 2.90 -0.96 -25.49
C PHE C 297 2.74 -2.46 -25.71
N ARG C 298 1.58 -2.86 -26.23
CA ARG C 298 1.24 -4.27 -26.46
C ARG C 298 2.09 -4.90 -27.56
N LYS C 299 2.40 -4.11 -28.60
CA LYS C 299 3.19 -4.57 -29.75
C LYS C 299 4.66 -4.71 -29.38
N GLN C 300 5.20 -3.68 -28.73
CA GLN C 300 6.61 -3.64 -28.35
C GLN C 300 6.93 -4.62 -27.23
N TYR C 301 5.93 -4.90 -26.38
CA TYR C 301 6.05 -5.94 -25.36
C TYR C 301 6.12 -7.32 -26.01
N VAL C 302 5.07 -7.68 -26.77
CA VAL C 302 5.05 -8.94 -27.52
C VAL C 302 5.95 -8.85 -28.75
N GLU D 3 28.63 -15.81 -50.44
CA GLU D 3 28.23 -14.83 -49.38
C GLU D 3 26.89 -15.15 -48.72
N PRO D 4 25.92 -15.73 -49.46
CA PRO D 4 24.68 -16.05 -48.75
C PRO D 4 24.87 -17.26 -47.85
N PHE D 5 24.27 -17.21 -46.66
CA PHE D 5 24.26 -18.35 -45.75
C PHE D 5 23.30 -19.40 -46.28
N LYS D 6 23.72 -20.67 -46.21
CA LYS D 6 22.93 -21.78 -46.72
C LYS D 6 21.66 -21.97 -45.89
N GLN D 7 20.54 -22.21 -46.56
CA GLN D 7 19.24 -22.29 -45.91
C GLN D 7 18.82 -23.72 -45.67
N GLN D 8 19.69 -24.67 -46.01
CA GLN D 8 19.40 -26.08 -45.79
C GLN D 8 19.52 -26.41 -44.32
N LYS D 9 18.81 -27.46 -43.89
CA LYS D 9 18.89 -27.93 -42.51
C LYS D 9 20.27 -28.55 -42.30
N VAL D 10 21.05 -27.95 -41.41
CA VAL D 10 22.42 -28.38 -41.16
C VAL D 10 22.52 -29.88 -40.85
N GLU D 11 21.55 -30.40 -40.10
CA GLU D 11 21.53 -31.82 -39.72
C GLU D 11 21.35 -32.79 -40.90
N ASP D 12 20.92 -32.30 -42.06
CA ASP D 12 20.89 -33.11 -43.28
C ASP D 12 22.31 -33.35 -43.80
N PHE D 13 23.20 -32.38 -43.60
CA PHE D 13 24.56 -32.42 -44.15
C PHE D 13 25.63 -32.82 -43.12
N TYR D 14 25.27 -32.73 -41.84
CA TYR D 14 26.18 -33.07 -40.75
C TYR D 14 25.50 -33.98 -39.73
N ASP D 15 26.27 -34.95 -39.23
CA ASP D 15 25.92 -35.63 -38.00
C ASP D 15 26.34 -34.72 -36.85
N ILE D 16 25.37 -34.22 -36.08
CA ILE D 16 25.66 -33.35 -34.93
C ILE D 16 26.01 -34.22 -33.73
N GLY D 17 26.89 -33.72 -32.87
CA GLY D 17 27.41 -34.49 -31.74
C GLY D 17 27.42 -33.74 -30.42
N GLU D 18 28.31 -34.16 -29.52
CA GLU D 18 28.37 -33.63 -28.15
C GLU D 18 28.77 -32.16 -28.07
N GLU D 19 28.36 -31.53 -26.97
CA GLU D 19 28.64 -30.13 -26.72
C GLU D 19 30.09 -29.94 -26.27
N LEU D 20 30.80 -29.03 -26.93
CA LEU D 20 32.19 -28.72 -26.60
C LEU D 20 32.30 -27.47 -25.72
N GLY D 21 31.28 -26.62 -25.74
CA GLY D 21 31.27 -25.42 -24.91
C GLY D 21 30.03 -24.59 -25.14
N SER D 22 29.85 -23.54 -24.34
CA SER D 22 28.61 -22.77 -24.34
C SER D 22 28.70 -21.45 -23.60
N GLY D 23 27.77 -20.54 -23.90
CA GLY D 23 27.62 -19.28 -23.18
C GLY D 23 27.35 -18.09 -24.08
N GLN D 24 26.48 -17.19 -23.62
CA GLN D 24 26.14 -15.96 -24.35
C GLN D 24 25.56 -16.24 -25.74
N PHE D 25 24.34 -16.78 -25.74
CA PHE D 25 23.58 -17.04 -26.97
C PHE D 25 24.38 -17.82 -28.03
N ALA D 26 25.23 -18.74 -27.59
CA ALA D 26 26.06 -19.53 -28.49
C ALA D 26 26.43 -20.89 -27.89
N ILE D 27 25.93 -21.97 -28.50
CA ILE D 27 26.28 -23.33 -28.11
C ILE D 27 27.16 -23.95 -29.19
N VAL D 28 28.33 -24.44 -28.80
CA VAL D 28 29.24 -25.12 -29.73
C VAL D 28 29.14 -26.64 -29.59
N LYS D 29 28.83 -27.32 -30.69
CA LYS D 29 28.76 -28.77 -30.73
C LYS D 29 29.74 -29.31 -31.76
N LYS D 30 30.25 -30.51 -31.51
CA LYS D 30 31.10 -31.21 -32.48
C LYS D 30 30.21 -31.80 -33.56
N CYS D 31 30.72 -31.87 -34.78
CA CYS D 31 29.93 -32.37 -35.90
C CYS D 31 30.82 -33.00 -36.98
N ARG D 32 30.27 -33.97 -37.70
CA ARG D 32 30.96 -34.61 -38.82
C ARG D 32 30.16 -34.38 -40.10
N GLU D 33 30.82 -33.84 -41.13
CA GLU D 33 30.18 -33.63 -42.43
C GLU D 33 30.02 -34.99 -43.14
N LYS D 34 28.83 -35.26 -43.67
CA LYS D 34 28.50 -36.60 -44.18
C LYS D 34 29.23 -36.95 -45.47
N SER D 35 29.27 -36.03 -46.43
CA SER D 35 29.94 -36.26 -47.71
C SER D 35 31.42 -36.57 -47.53
N THR D 36 32.12 -35.73 -46.76
CA THR D 36 33.56 -35.85 -46.57
C THR D 36 33.93 -36.80 -45.44
N GLY D 37 33.20 -36.73 -44.32
CA GLY D 37 33.54 -37.48 -43.12
C GLY D 37 34.48 -36.72 -42.19
N LEU D 38 34.87 -35.50 -42.56
CA LEU D 38 35.78 -34.71 -41.75
C LEU D 38 35.03 -34.04 -40.60
N GLU D 39 35.67 -33.98 -39.44
CA GLU D 39 35.03 -33.43 -38.24
C GLU D 39 35.27 -31.93 -38.12
N TYR D 40 34.26 -31.22 -37.61
CA TYR D 40 34.29 -29.77 -37.48
C TYR D 40 33.64 -29.37 -36.16
N ALA D 41 33.67 -28.07 -35.85
CA ALA D 41 32.97 -27.51 -34.69
C ALA D 41 31.85 -26.59 -35.18
N ALA D 42 30.61 -26.86 -34.74
CA ALA D 42 29.44 -26.10 -35.17
C ALA D 42 28.96 -25.13 -34.09
N LYS D 43 29.19 -23.83 -34.31
CA LYS D 43 28.78 -22.80 -33.35
C LYS D 43 27.36 -22.36 -33.65
N PHE D 44 26.42 -22.70 -32.77
CA PHE D 44 25.03 -22.29 -32.93
C PHE D 44 24.77 -20.97 -32.25
N ILE D 45 24.68 -19.89 -33.04
CA ILE D 45 24.39 -18.56 -32.50
C ILE D 45 22.90 -18.27 -32.62
N LYS D 46 22.28 -17.97 -31.47
CA LYS D 46 20.85 -17.68 -31.42
C LYS D 46 20.60 -16.28 -31.94
N LYS D 47 19.72 -16.15 -32.95
CA LYS D 47 19.35 -14.85 -33.50
C LYS D 47 18.42 -14.10 -32.55
N ARG D 48 18.23 -12.81 -32.82
CA ARG D 48 17.43 -11.95 -31.97
C ARG D 48 16.08 -11.67 -32.61
N GLN D 49 15.03 -11.62 -31.79
CA GLN D 49 13.66 -11.43 -32.28
C GLN D 49 13.44 -9.96 -32.64
N SER D 50 13.88 -9.07 -31.75
CA SER D 50 13.82 -7.62 -31.97
C SER D 50 14.87 -6.91 -31.13
N ARG D 51 15.02 -5.60 -31.35
CA ARG D 51 16.03 -4.80 -30.66
C ARG D 51 15.92 -4.85 -29.12
N ALA D 52 14.69 -4.94 -28.61
CA ALA D 52 14.43 -5.02 -27.17
C ALA D 52 14.81 -6.39 -26.59
N SER D 53 14.57 -7.45 -27.35
CA SER D 53 14.78 -8.83 -26.89
C SER D 53 16.13 -9.09 -26.23
N ARG D 54 16.07 -9.43 -24.94
CA ARG D 54 17.24 -9.76 -24.13
C ARG D 54 17.91 -11.05 -24.59
N ARG D 55 17.10 -11.99 -25.10
CA ARG D 55 17.60 -13.22 -25.73
C ARG D 55 17.89 -12.98 -27.21
N GLY D 56 19.17 -12.96 -27.57
CA GLY D 56 19.59 -12.97 -28.97
C GLY D 56 20.78 -12.09 -29.32
N VAL D 57 21.48 -12.48 -30.38
CA VAL D 57 22.50 -11.64 -31.02
C VAL D 57 21.89 -11.07 -32.29
N SER D 58 22.19 -9.81 -32.59
CA SER D 58 21.57 -9.10 -33.71
C SER D 58 22.04 -9.62 -35.07
N ARG D 59 21.29 -9.27 -36.11
CA ARG D 59 21.64 -9.57 -37.50
C ARG D 59 23.00 -8.96 -37.85
N GLU D 60 23.18 -7.69 -37.49
CA GLU D 60 24.41 -6.96 -37.78
C GLU D 60 25.63 -7.63 -37.17
N GLU D 61 25.51 -8.07 -35.91
CA GLU D 61 26.64 -8.65 -35.15
C GLU D 61 27.05 -10.03 -35.65
N ILE D 62 26.09 -10.82 -36.10
CA ILE D 62 26.37 -12.13 -36.66
C ILE D 62 27.06 -11.96 -38.02
N GLU D 63 26.51 -11.08 -38.85
CA GLU D 63 27.12 -10.75 -40.15
C GLU D 63 28.57 -10.29 -40.04
N ARG D 64 28.85 -9.50 -39.00
CA ARG D 64 30.19 -8.94 -38.81
C ARG D 64 31.20 -10.02 -38.42
N GLU D 65 30.84 -10.87 -37.46
CA GLU D 65 31.70 -11.98 -37.04
C GLU D 65 32.03 -12.85 -38.24
N VAL D 66 31.02 -13.21 -39.02
CA VAL D 66 31.20 -14.02 -40.22
C VAL D 66 32.11 -13.30 -41.22
N SER D 67 31.82 -12.03 -41.46
CA SER D 67 32.64 -11.23 -42.36
C SER D 67 34.11 -11.32 -41.96
N ILE D 68 34.39 -11.13 -40.68
CA ILE D 68 35.76 -11.18 -40.19
C ILE D 68 36.34 -12.59 -40.29
N LEU D 69 35.57 -13.60 -39.90
CA LEU D 69 36.03 -14.98 -39.99
C LEU D 69 36.34 -15.38 -41.43
N ARG D 70 35.57 -14.86 -42.37
CA ARG D 70 35.80 -15.12 -43.80
C ARG D 70 37.06 -14.43 -44.33
N GLN D 71 37.47 -13.32 -43.71
CA GLN D 71 38.68 -12.63 -44.13
C GLN D 71 39.93 -13.40 -43.69
N VAL D 72 39.83 -14.09 -42.55
CA VAL D 72 41.01 -14.58 -41.85
C VAL D 72 41.43 -15.98 -42.26
N LEU D 73 42.72 -16.13 -42.55
CA LEU D 73 43.32 -17.42 -42.91
C LEU D 73 44.79 -17.43 -42.43
N HIS D 74 45.04 -18.14 -41.34
CA HIS D 74 46.35 -18.14 -40.68
C HIS D 74 46.47 -19.39 -39.81
N HIS D 75 47.70 -19.87 -39.61
CA HIS D 75 47.93 -21.12 -38.85
C HIS D 75 47.61 -21.01 -37.35
N ASN D 76 47.57 -19.78 -36.84
CA ASN D 76 47.27 -19.50 -35.43
C ASN D 76 45.85 -19.00 -35.19
N VAL D 77 45.03 -18.99 -36.24
CA VAL D 77 43.64 -18.55 -36.12
C VAL D 77 42.68 -19.62 -36.64
N ILE D 78 41.50 -19.69 -36.02
CA ILE D 78 40.49 -20.68 -36.39
C ILE D 78 39.90 -20.36 -37.76
N THR D 79 39.65 -21.42 -38.53
CA THR D 79 39.27 -21.27 -39.93
C THR D 79 37.84 -21.74 -40.16
N LEU D 80 37.02 -20.81 -40.67
CA LEU D 80 35.63 -21.06 -40.97
C LEU D 80 35.49 -22.03 -42.14
N HIS D 81 34.52 -22.92 -42.04
CA HIS D 81 34.25 -23.90 -43.10
C HIS D 81 32.98 -23.57 -43.87
N ASP D 82 31.92 -23.23 -43.17
CA ASP D 82 30.65 -22.95 -43.82
C ASP D 82 29.73 -22.17 -42.88
N VAL D 83 28.61 -21.68 -43.41
CA VAL D 83 27.63 -20.96 -42.61
C VAL D 83 26.23 -21.35 -43.06
N TYR D 84 25.44 -21.89 -42.13
CA TYR D 84 24.05 -22.28 -42.38
C TYR D 84 23.12 -21.37 -41.58
N GLU D 85 21.85 -21.35 -41.98
CA GLU D 85 20.83 -20.59 -41.29
C GLU D 85 19.46 -21.26 -41.29
N ASN D 86 18.74 -21.12 -40.18
CA ASN D 86 17.34 -21.51 -40.07
C ASN D 86 16.53 -20.37 -39.44
N ARG D 87 15.29 -20.63 -39.03
CA ARG D 87 14.47 -19.60 -38.39
C ARG D 87 15.10 -19.08 -37.10
N THR D 88 15.56 -19.99 -36.26
CA THR D 88 16.03 -19.63 -34.91
C THR D 88 17.50 -19.24 -34.87
N ASP D 89 18.38 -20.12 -35.35
CA ASP D 89 19.83 -19.99 -35.18
C ASP D 89 20.55 -19.68 -36.49
N VAL D 90 21.77 -19.15 -36.37
CA VAL D 90 22.73 -19.07 -37.48
C VAL D 90 23.94 -19.93 -37.11
N VAL D 91 24.18 -20.98 -37.89
CA VAL D 91 25.16 -22.00 -37.54
C VAL D 91 26.47 -21.84 -38.30
N LEU D 92 27.53 -21.49 -37.59
CA LEU D 92 28.88 -21.40 -38.16
C LEU D 92 29.59 -22.73 -38.00
N ILE D 93 29.96 -23.35 -39.12
CA ILE D 93 30.78 -24.55 -39.11
C ILE D 93 32.24 -24.12 -39.08
N LEU D 94 32.95 -24.45 -38.01
CA LEU D 94 34.32 -23.97 -37.79
C LEU D 94 35.30 -25.12 -37.68
N GLU D 95 36.59 -24.79 -37.80
CA GLU D 95 37.68 -25.75 -37.69
C GLU D 95 37.65 -26.37 -36.30
N LEU D 96 37.66 -27.70 -36.23
CA LEU D 96 37.67 -28.40 -34.94
C LEU D 96 39.03 -28.31 -34.25
N VAL D 97 39.00 -27.84 -33.01
CA VAL D 97 40.19 -27.65 -32.19
C VAL D 97 40.00 -28.47 -30.91
N SER D 98 40.34 -29.75 -30.98
CA SER D 98 40.08 -30.69 -29.89
C SER D 98 41.32 -30.97 -29.03
N GLY D 99 42.23 -30.00 -28.94
CA GLY D 99 43.41 -30.11 -28.08
C GLY D 99 43.21 -29.48 -26.71
N GLY D 100 42.21 -28.63 -26.58
CA GLY D 100 41.89 -27.99 -25.30
C GLY D 100 42.59 -26.67 -25.14
N GLU D 101 42.39 -26.02 -23.99
CA GLU D 101 42.98 -24.71 -23.72
C GLU D 101 44.49 -24.84 -23.50
N LEU D 102 45.20 -23.75 -23.79
CA LEU D 102 46.65 -23.67 -23.60
C LEU D 102 47.05 -23.92 -22.14
N PHE D 103 46.37 -23.24 -21.24
CA PHE D 103 46.69 -23.32 -19.81
C PHE D 103 46.51 -24.73 -19.25
N ASP D 104 45.45 -25.43 -19.68
CA ASP D 104 45.24 -26.83 -19.28
C ASP D 104 46.47 -27.69 -19.55
N PHE D 105 47.06 -27.50 -20.72
CA PHE D 105 48.25 -28.24 -21.13
C PHE D 105 49.48 -27.80 -20.34
N LEU D 106 49.63 -26.48 -20.13
CA LEU D 106 50.74 -25.94 -19.34
C LEU D 106 50.72 -26.44 -17.89
N ALA D 107 49.52 -26.48 -17.30
CA ALA D 107 49.34 -26.95 -15.92
C ALA D 107 49.65 -28.44 -15.76
N GLN D 108 49.91 -29.14 -16.86
CA GLN D 108 50.13 -30.58 -16.83
C GLN D 108 51.61 -30.96 -16.87
N LYS D 109 52.48 -29.96 -17.04
CA LYS D 109 53.93 -30.20 -17.13
C LYS D 109 54.58 -30.32 -15.77
N GLU D 110 55.80 -30.84 -15.75
CA GLU D 110 56.67 -30.80 -14.57
C GLU D 110 57.66 -29.64 -14.69
N SER D 111 58.04 -29.29 -15.92
CA SER D 111 59.01 -28.23 -16.18
C SER D 111 58.59 -27.39 -17.39
N LEU D 112 58.77 -26.08 -17.27
CA LEU D 112 58.54 -25.15 -18.37
C LEU D 112 59.51 -23.98 -18.24
N SER D 113 60.39 -23.80 -19.22
CA SER D 113 61.29 -22.64 -19.23
C SER D 113 60.59 -21.43 -19.86
N GLU D 114 61.21 -20.26 -19.76
CA GLU D 114 60.69 -19.06 -20.42
C GLU D 114 60.85 -19.17 -21.94
N GLU D 115 61.89 -19.88 -22.37
CA GLU D 115 62.08 -20.21 -23.79
C GLU D 115 60.85 -20.95 -24.32
N GLU D 116 60.44 -21.98 -23.59
CA GLU D 116 59.24 -22.74 -23.93
C GLU D 116 58.00 -21.87 -23.76
N ALA D 117 58.04 -20.95 -22.80
CA ALA D 117 56.97 -19.99 -22.62
C ALA D 117 56.80 -19.12 -23.86
N THR D 118 57.87 -18.43 -24.25
CA THR D 118 57.83 -17.51 -25.39
C THR D 118 57.45 -18.21 -26.70
N SER D 119 57.77 -19.49 -26.82
CA SER D 119 57.29 -20.30 -27.96
C SER D 119 55.78 -20.16 -28.13
N PHE D 120 55.04 -20.33 -27.05
CA PHE D 120 53.58 -20.21 -27.07
C PHE D 120 53.15 -18.76 -27.24
N ILE D 121 53.79 -17.85 -26.51
CA ILE D 121 53.47 -16.44 -26.60
C ILE D 121 53.66 -15.95 -28.03
N LYS D 122 54.73 -16.40 -28.67
CA LYS D 122 55.01 -15.99 -30.04
C LYS D 122 53.93 -16.51 -30.99
N GLN D 123 53.41 -17.69 -30.74
CA GLN D 123 52.31 -18.22 -31.56
C GLN D 123 51.10 -17.28 -31.45
N ILE D 124 50.84 -16.80 -30.24
CA ILE D 124 49.78 -15.81 -30.01
C ILE D 124 50.10 -14.51 -30.75
N LEU D 125 51.33 -14.04 -30.60
CA LEU D 125 51.77 -12.79 -31.23
C LEU D 125 51.58 -12.81 -32.76
N ASP D 126 51.96 -13.93 -33.38
CA ASP D 126 51.84 -14.09 -34.83
C ASP D 126 50.38 -14.00 -35.29
N GLY D 127 49.48 -14.65 -34.54
CA GLY D 127 48.07 -14.56 -34.82
C GLY D 127 47.57 -13.13 -34.73
N VAL D 128 47.88 -12.46 -33.63
CA VAL D 128 47.39 -11.10 -33.42
C VAL D 128 48.02 -10.14 -34.44
N ASN D 129 49.25 -10.41 -34.85
CA ASN D 129 49.90 -9.62 -35.90
C ASN D 129 49.18 -9.73 -37.23
N TYR D 130 48.78 -10.95 -37.60
CA TYR D 130 48.04 -11.18 -38.85
C TYR D 130 46.70 -10.45 -38.86
N LEU D 131 46.03 -10.39 -37.71
CA LEU D 131 44.77 -9.66 -37.59
C LEU D 131 45.01 -8.14 -37.67
N HIS D 132 45.99 -7.65 -36.93
CA HIS D 132 46.28 -6.21 -36.87
C HIS D 132 46.73 -5.66 -38.22
N THR D 133 47.50 -6.46 -38.96
CA THR D 133 47.93 -6.08 -40.30
C THR D 133 46.70 -5.85 -41.19
N LYS D 134 45.61 -6.57 -40.91
CA LYS D 134 44.35 -6.40 -41.65
C LYS D 134 43.35 -5.49 -40.94
N LYS D 135 43.83 -4.70 -39.97
CA LYS D 135 42.99 -3.76 -39.19
C LYS D 135 41.84 -4.45 -38.45
N ILE D 136 42.14 -5.59 -37.82
CA ILE D 136 41.14 -6.36 -37.10
C ILE D 136 41.54 -6.53 -35.63
N ALA D 137 40.82 -5.84 -34.74
CA ALA D 137 40.96 -6.05 -33.30
C ALA D 137 40.20 -7.31 -32.92
N HIS D 138 40.75 -8.11 -32.00
CA HIS D 138 40.08 -9.31 -31.49
C HIS D 138 39.16 -8.96 -30.34
N PHE D 139 39.64 -8.09 -29.45
CA PHE D 139 38.88 -7.56 -28.33
C PHE D 139 38.40 -8.56 -27.26
N ASP D 140 38.80 -9.83 -27.37
CA ASP D 140 38.42 -10.85 -26.37
C ASP D 140 39.55 -11.85 -26.16
N LEU D 141 40.80 -11.36 -26.14
CA LEU D 141 41.95 -12.20 -25.87
C LEU D 141 42.01 -12.57 -24.39
N LYS D 142 41.98 -13.87 -24.13
CA LYS D 142 42.04 -14.40 -22.77
C LYS D 142 42.34 -15.90 -22.86
N PRO D 143 42.87 -16.50 -21.78
CA PRO D 143 43.32 -17.90 -21.83
C PRO D 143 42.34 -18.88 -22.51
N GLU D 144 41.06 -18.82 -22.15
CA GLU D 144 40.08 -19.78 -22.69
C GLU D 144 39.80 -19.61 -24.19
N ASN D 145 40.11 -18.44 -24.74
CA ASN D 145 40.05 -18.23 -26.19
C ASN D 145 41.35 -18.63 -26.90
N ILE D 146 42.34 -19.09 -26.15
CA ILE D 146 43.59 -19.59 -26.72
C ILE D 146 43.60 -21.12 -26.57
N MET D 147 43.30 -21.83 -27.66
CA MET D 147 43.17 -23.29 -27.64
C MET D 147 44.38 -23.92 -28.33
N LEU D 148 44.45 -25.25 -28.28
CA LEU D 148 45.49 -26.01 -28.98
C LEU D 148 44.88 -27.00 -29.97
N LEU D 149 45.56 -27.23 -31.09
CA LEU D 149 45.12 -28.23 -32.07
C LEU D 149 45.22 -29.62 -31.45
N ASP D 150 46.45 -29.99 -31.09
CA ASP D 150 46.74 -31.31 -30.54
C ASP D 150 47.69 -31.16 -29.36
N LYS D 151 47.40 -31.91 -28.29
CA LYS D 151 48.15 -31.82 -27.03
C LYS D 151 49.11 -33.00 -26.81
N ASN D 152 48.93 -34.09 -27.57
CA ASN D 152 49.84 -35.25 -27.50
C ASN D 152 51.04 -35.11 -28.45
N ILE D 153 51.57 -33.90 -28.55
CA ILE D 153 52.79 -33.61 -29.30
C ILE D 153 53.65 -32.67 -28.44
N PRO D 154 54.98 -32.73 -28.59
CA PRO D 154 55.90 -31.93 -27.75
C PRO D 154 55.53 -30.45 -27.60
N ILE D 155 55.31 -29.75 -28.70
CA ILE D 155 54.99 -28.32 -28.67
C ILE D 155 53.71 -28.01 -29.48
N PRO D 156 52.52 -28.10 -28.84
CA PRO D 156 51.22 -27.89 -29.46
C PRO D 156 51.09 -26.57 -30.24
N HIS D 157 50.30 -26.61 -31.31
CA HIS D 157 50.02 -25.43 -32.12
C HIS D 157 48.76 -24.73 -31.62
N ILE D 158 48.89 -23.42 -31.38
CA ILE D 158 47.85 -22.61 -30.78
C ILE D 158 46.84 -22.11 -31.82
N LYS D 159 45.57 -22.06 -31.45
CA LYS D 159 44.54 -21.47 -32.31
C LYS D 159 43.74 -20.43 -31.52
N LEU D 160 43.68 -19.21 -32.03
CA LEU D 160 42.80 -18.19 -31.47
C LEU D 160 41.36 -18.45 -31.95
N ILE D 161 40.40 -18.41 -31.03
CA ILE D 161 39.00 -18.67 -31.35
C ILE D 161 38.11 -17.51 -30.92
N ASP D 162 36.80 -17.65 -31.15
CA ASP D 162 35.81 -16.66 -30.72
C ASP D 162 36.10 -15.24 -31.20
N PHE D 163 35.54 -14.89 -32.36
CA PHE D 163 35.66 -13.54 -32.89
C PHE D 163 34.34 -12.79 -32.72
N GLY D 164 33.61 -13.11 -31.66
CA GLY D 164 32.32 -12.48 -31.38
C GLY D 164 32.40 -11.02 -30.97
N LEU D 165 33.56 -10.58 -30.50
CA LEU D 165 33.76 -9.18 -30.13
C LEU D 165 34.72 -8.46 -31.05
N ALA D 166 35.22 -9.16 -32.07
CA ALA D 166 36.20 -8.59 -32.98
C ALA D 166 35.56 -7.52 -33.87
N HIS D 167 36.39 -6.61 -34.38
CA HIS D 167 35.88 -5.43 -35.08
C HIS D 167 36.90 -4.88 -36.08
N GLU D 168 36.43 -4.56 -37.30
CA GLU D 168 37.26 -3.90 -38.31
C GLU D 168 37.43 -2.43 -37.94
N ILE D 169 38.63 -2.05 -37.51
CA ILE D 169 38.90 -0.68 -37.08
C ILE D 169 39.03 0.23 -38.31
N GLU D 170 38.25 1.31 -38.34
CA GLU D 170 38.35 2.29 -39.42
C GLU D 170 39.19 3.48 -38.97
N ASP D 171 40.04 3.97 -39.87
CA ASP D 171 40.94 5.08 -39.55
C ASP D 171 40.19 6.35 -39.14
N GLY D 172 39.12 6.67 -39.86
CA GLY D 172 38.33 7.86 -39.56
C GLY D 172 37.40 7.72 -38.37
N VAL D 173 36.64 6.63 -38.34
CA VAL D 173 35.51 6.48 -37.39
C VAL D 173 35.97 6.10 -35.97
N GLU D 174 35.38 6.76 -34.98
CA GLU D 174 35.65 6.46 -33.56
C GLU D 174 34.83 5.26 -33.09
N PHE D 175 35.44 4.39 -32.30
CA PHE D 175 34.76 3.22 -31.75
C PHE D 175 34.96 3.09 -30.25
N LYS D 176 33.86 3.18 -29.50
CA LYS D 176 33.89 2.96 -28.05
C LYS D 176 32.71 2.11 -27.61
N ASN D 177 33.01 1.12 -26.78
CA ASN D 177 32.04 0.15 -26.29
C ASN D 177 32.56 -0.40 -24.96
N ILE D 178 31.70 -1.12 -24.24
CA ILE D 178 32.13 -1.81 -23.02
C ILE D 178 31.78 -3.28 -23.17
N PHE D 179 32.81 -4.13 -23.13
CA PHE D 179 32.63 -5.56 -23.34
C PHE D 179 33.79 -6.33 -22.71
N GLY D 180 33.79 -7.64 -22.85
CA GLY D 180 34.91 -8.46 -22.43
C GLY D 180 34.84 -8.86 -20.97
N THR D 181 35.79 -9.71 -20.58
CA THR D 181 35.87 -10.22 -19.21
C THR D 181 36.77 -9.30 -18.40
N PRO D 182 36.21 -8.62 -17.37
CA PRO D 182 36.90 -7.57 -16.62
C PRO D 182 38.37 -7.84 -16.32
N GLU D 183 38.68 -9.05 -15.89
CA GLU D 183 40.06 -9.45 -15.59
C GLU D 183 41.07 -9.12 -16.71
N PHE D 184 40.61 -9.11 -17.96
CA PHE D 184 41.51 -9.03 -19.12
C PHE D 184 41.37 -7.79 -20.00
N VAL D 185 40.46 -6.89 -19.67
CA VAL D 185 40.26 -5.70 -20.49
C VAL D 185 41.22 -4.57 -20.12
N ALA D 186 41.51 -3.74 -21.12
CA ALA D 186 42.38 -2.58 -20.97
C ALA D 186 41.60 -1.40 -20.36
N PRO D 187 42.32 -0.43 -19.76
CA PRO D 187 41.67 0.74 -19.15
C PRO D 187 40.70 1.51 -20.05
N GLU D 188 41.00 1.62 -21.32
CA GLU D 188 40.11 2.35 -22.26
C GLU D 188 38.74 1.69 -22.44
N ILE D 189 38.68 0.37 -22.27
CA ILE D 189 37.39 -0.34 -22.30
C ILE D 189 36.61 -0.02 -21.03
N VAL D 190 37.30 -0.04 -19.89
CA VAL D 190 36.66 0.26 -18.61
C VAL D 190 36.22 1.74 -18.53
N ASN D 191 37.10 2.66 -18.93
CA ASN D 191 36.81 4.10 -18.88
C ASN D 191 35.83 4.61 -19.94
N TYR D 192 35.51 3.76 -20.93
CA TYR D 192 34.67 4.17 -22.07
C TYR D 192 35.38 5.23 -22.91
N GLU D 193 36.64 4.94 -23.25
CA GLU D 193 37.46 5.81 -24.09
C GLU D 193 37.62 5.17 -25.47
N PRO D 194 38.00 5.95 -26.50
CA PRO D 194 38.16 5.41 -27.85
C PRO D 194 39.04 4.16 -27.91
N LEU D 195 38.57 3.14 -28.63
CA LEU D 195 39.27 1.84 -28.70
C LEU D 195 39.97 1.63 -30.03
N GLY D 196 40.97 0.76 -30.03
CA GLY D 196 41.68 0.37 -31.25
C GLY D 196 42.40 -0.95 -31.08
N LEU D 197 43.46 -1.14 -31.87
CA LEU D 197 44.27 -2.35 -31.81
C LEU D 197 45.07 -2.49 -30.50
N GLU D 198 45.15 -1.40 -29.72
CA GLU D 198 45.95 -1.38 -28.50
C GLU D 198 45.37 -2.27 -27.40
N ALA D 199 44.05 -2.25 -27.23
CA ALA D 199 43.36 -3.07 -26.23
C ALA D 199 43.87 -4.51 -26.19
N ASP D 200 44.04 -5.11 -27.38
CA ASP D 200 44.55 -6.47 -27.50
C ASP D 200 45.94 -6.64 -26.88
N MET D 201 46.79 -5.62 -26.99
CA MET D 201 48.16 -5.69 -26.50
C MET D 201 48.22 -5.69 -24.97
N TRP D 202 47.31 -4.96 -24.35
CA TRP D 202 47.16 -5.00 -22.89
C TRP D 202 46.80 -6.42 -22.43
N SER D 203 45.89 -7.07 -23.15
CA SER D 203 45.43 -8.41 -22.81
C SER D 203 46.56 -9.43 -22.91
N ILE D 204 47.40 -9.26 -23.92
CA ILE D 204 48.60 -10.09 -24.06
C ILE D 204 49.53 -9.85 -22.89
N GLY D 205 49.65 -8.59 -22.48
CA GLY D 205 50.35 -8.23 -21.26
C GLY D 205 49.82 -8.99 -20.06
N VAL D 206 48.50 -9.01 -19.90
CA VAL D 206 47.86 -9.73 -18.81
C VAL D 206 48.09 -11.24 -18.90
N ILE D 207 47.82 -11.82 -20.06
CA ILE D 207 47.95 -13.27 -20.23
C ILE D 207 49.38 -13.70 -19.88
N THR D 208 50.36 -12.95 -20.38
CA THR D 208 51.76 -13.24 -20.12
C THR D 208 52.09 -13.18 -18.63
N TYR D 209 51.48 -12.22 -17.94
CA TYR D 209 51.63 -12.11 -16.49
C TYR D 209 51.17 -13.40 -15.82
N ILE D 210 50.00 -13.88 -16.21
CA ILE D 210 49.42 -15.11 -15.63
C ILE D 210 50.25 -16.35 -15.96
N LEU D 211 50.68 -16.46 -17.21
CA LEU D 211 51.44 -17.62 -17.65
C LEU D 211 52.77 -17.77 -16.92
N LEU D 212 53.41 -16.63 -16.63
CA LEU D 212 54.71 -16.65 -15.97
C LEU D 212 54.62 -16.89 -14.46
N SER D 213 53.57 -16.36 -13.82
CA SER D 213 53.48 -16.34 -12.36
C SER D 213 52.36 -17.21 -11.77
N GLY D 214 51.23 -17.29 -12.46
CA GLY D 214 50.05 -17.97 -11.92
C GLY D 214 49.08 -17.00 -11.27
N ALA D 215 49.55 -15.78 -10.99
CA ALA D 215 48.71 -14.72 -10.46
C ALA D 215 48.23 -13.77 -11.56
N SER D 216 47.15 -13.04 -11.30
CA SER D 216 46.59 -12.07 -12.23
C SER D 216 46.94 -10.68 -11.73
N PRO D 217 47.41 -9.80 -12.64
CA PRO D 217 47.95 -8.51 -12.23
C PRO D 217 46.95 -7.56 -11.58
N PHE D 218 45.69 -7.61 -12.02
CA PHE D 218 44.66 -6.68 -11.53
C PHE D 218 43.47 -7.34 -10.85
N LEU D 219 43.45 -8.67 -10.76
CA LEU D 219 42.28 -9.36 -10.22
C LEU D 219 42.04 -8.99 -8.76
N GLY D 220 40.84 -8.50 -8.46
CA GLY D 220 40.42 -8.21 -7.09
C GLY D 220 39.45 -9.25 -6.59
N ASP D 221 38.93 -9.05 -5.38
CA ASP D 221 37.92 -9.93 -4.81
C ASP D 221 36.54 -9.73 -5.44
N THR D 222 36.34 -8.58 -6.06
CA THR D 222 35.07 -8.27 -6.72
C THR D 222 35.33 -7.61 -8.05
N LYS D 223 34.27 -7.47 -8.83
CA LYS D 223 34.31 -6.77 -10.11
C LYS D 223 34.75 -5.34 -9.86
N GLN D 224 34.17 -4.71 -8.84
CA GLN D 224 34.52 -3.34 -8.45
C GLN D 224 36.02 -3.13 -8.24
N GLU D 225 36.65 -4.03 -7.49
CA GLU D 225 38.10 -3.94 -7.22
C GLU D 225 38.92 -4.16 -8.49
N THR D 226 38.57 -5.18 -9.26
CA THR D 226 39.28 -5.47 -10.51
C THR D 226 39.29 -4.23 -11.42
N LEU D 227 38.13 -3.59 -11.58
CA LEU D 227 38.02 -2.40 -12.44
C LEU D 227 38.84 -1.22 -11.90
N ALA D 228 38.84 -1.04 -10.58
CA ALA D 228 39.60 0.03 -9.94
C ALA D 228 41.10 -0.21 -10.04
N ASN D 229 41.51 -1.49 -10.00
CA ASN D 229 42.91 -1.86 -10.15
C ASN D 229 43.41 -1.60 -11.57
N ILE D 230 42.55 -1.87 -12.56
CA ILE D 230 42.89 -1.65 -13.96
C ILE D 230 43.03 -0.17 -14.25
N THR D 231 42.02 0.61 -13.87
CA THR D 231 42.01 2.04 -14.19
C THR D 231 43.10 2.85 -13.49
N SER D 232 43.64 2.30 -12.40
CA SER D 232 44.76 2.92 -11.67
C SER D 232 46.12 2.35 -12.09
N VAL D 233 46.11 1.24 -12.81
CA VAL D 233 47.31 0.43 -13.12
C VAL D 233 48.00 -0.07 -11.85
N SER D 234 47.20 -0.63 -10.93
CA SER D 234 47.71 -1.23 -9.70
C SER D 234 48.09 -2.68 -9.91
N TYR D 235 49.37 -2.90 -10.20
CA TYR D 235 49.96 -4.23 -10.16
C TYR D 235 51.38 -4.07 -9.70
N ASP D 236 52.01 -5.18 -9.36
CA ASP D 236 53.46 -5.21 -9.14
C ASP D 236 53.99 -6.60 -9.42
N PHE D 237 55.31 -6.73 -9.39
CA PHE D 237 55.94 -8.03 -9.53
C PHE D 237 56.35 -8.48 -8.15
N ASP D 238 55.40 -9.02 -7.39
CA ASP D 238 55.69 -9.48 -6.05
C ASP D 238 56.59 -10.70 -6.10
N GLU D 239 57.61 -10.71 -5.26
CA GLU D 239 58.62 -11.78 -5.27
C GLU D 239 58.07 -13.16 -4.90
N GLU D 240 56.86 -13.21 -4.36
CA GLU D 240 56.21 -14.48 -4.06
C GLU D 240 55.97 -15.29 -5.34
N PHE D 241 55.52 -14.61 -6.38
CA PHE D 241 55.22 -15.26 -7.64
C PHE D 241 56.33 -15.07 -8.69
N PHE D 242 57.08 -13.98 -8.57
CA PHE D 242 58.04 -13.56 -9.61
C PHE D 242 59.52 -13.66 -9.24
N SER D 243 59.85 -14.45 -8.21
CA SER D 243 61.25 -14.66 -7.83
C SER D 243 62.04 -15.39 -8.94
N HIS D 244 61.38 -16.31 -9.65
CA HIS D 244 62.02 -17.06 -10.73
C HIS D 244 62.11 -16.27 -12.04
N THR D 245 61.38 -15.16 -12.15
CA THR D 245 61.19 -14.48 -13.42
C THR D 245 62.34 -13.54 -13.80
N SER D 246 62.72 -13.60 -15.08
CA SER D 246 63.80 -12.79 -15.64
C SER D 246 63.42 -11.32 -15.78
N GLU D 247 64.42 -10.46 -15.93
CA GLU D 247 64.20 -9.03 -16.17
C GLU D 247 63.66 -8.74 -17.56
N LEU D 248 64.03 -9.57 -18.53
CA LEU D 248 63.48 -9.46 -19.88
C LEU D 248 61.97 -9.69 -19.86
N ALA D 249 61.56 -10.74 -19.18
CA ALA D 249 60.15 -11.12 -19.10
C ALA D 249 59.29 -10.06 -18.44
N LYS D 250 59.84 -9.40 -17.43
CA LYS D 250 59.14 -8.29 -16.75
C LYS D 250 59.03 -7.08 -17.66
N ASP D 251 60.14 -6.70 -18.28
CA ASP D 251 60.19 -5.54 -19.16
C ASP D 251 59.14 -5.61 -20.27
N PHE D 252 58.95 -6.83 -20.78
CA PHE D 252 57.93 -7.12 -21.79
C PHE D 252 56.55 -6.78 -21.24
N ILE D 253 56.19 -7.43 -20.14
CA ILE D 253 54.91 -7.24 -19.50
C ILE D 253 54.72 -5.75 -19.17
N ARG D 254 55.78 -5.14 -18.66
CA ARG D 254 55.76 -3.76 -18.21
C ARG D 254 55.38 -2.77 -19.32
N LYS D 255 55.87 -3.02 -20.54
CA LYS D 255 55.64 -2.13 -21.67
C LYS D 255 54.29 -2.37 -22.38
N LEU D 256 53.57 -3.41 -21.95
CA LEU D 256 52.23 -3.68 -22.45
C LEU D 256 51.17 -3.13 -21.49
N LEU D 257 51.39 -3.28 -20.18
CA LEU D 257 50.45 -2.79 -19.18
C LEU D 257 50.64 -1.27 -18.95
N VAL D 258 50.47 -0.51 -20.02
CA VAL D 258 50.64 0.94 -19.99
C VAL D 258 49.30 1.59 -20.36
N LYS D 259 48.83 2.53 -19.55
CA LYS D 259 47.51 3.12 -19.77
C LYS D 259 47.41 3.86 -21.09
N GLU D 260 48.39 4.72 -21.37
CA GLU D 260 48.34 5.55 -22.57
C GLU D 260 48.49 4.71 -23.84
N THR D 261 47.46 4.71 -24.69
CA THR D 261 47.41 3.85 -25.87
C THR D 261 48.64 4.02 -26.77
N ARG D 262 49.11 5.26 -26.93
CA ARG D 262 50.24 5.55 -27.80
C ARG D 262 51.58 5.01 -27.29
N LYS D 263 51.81 5.05 -25.99
CA LYS D 263 53.07 4.55 -25.42
C LYS D 263 53.10 3.04 -25.23
N ARG D 264 51.95 2.38 -25.43
CA ARG D 264 51.86 0.93 -25.30
C ARG D 264 52.53 0.26 -26.49
N LEU D 265 53.20 -0.86 -26.25
CA LEU D 265 53.84 -1.65 -27.33
C LEU D 265 52.85 -2.07 -28.41
N THR D 266 53.19 -1.74 -29.65
CA THR D 266 52.44 -2.22 -30.81
C THR D 266 52.87 -3.64 -31.12
N ILE D 267 51.96 -4.42 -31.69
CA ILE D 267 52.20 -5.83 -31.98
C ILE D 267 53.57 -6.08 -32.64
N GLN D 268 53.99 -5.15 -33.50
CA GLN D 268 55.31 -5.25 -34.14
C GLN D 268 56.44 -5.10 -33.11
N GLU D 269 56.31 -4.12 -32.23
CA GLU D 269 57.32 -3.86 -31.19
C GLU D 269 57.41 -5.03 -30.21
N ALA D 270 56.30 -5.72 -30.00
CA ALA D 270 56.26 -6.86 -29.08
C ALA D 270 56.98 -8.07 -29.69
N LEU D 271 56.85 -8.25 -31.00
CA LEU D 271 57.56 -9.33 -31.70
C LEU D 271 59.07 -9.06 -31.74
N ARG D 272 59.45 -7.78 -31.68
CA ARG D 272 60.86 -7.39 -31.75
C ARG D 272 61.53 -7.37 -30.38
N HIS D 273 60.74 -7.44 -29.33
CA HIS D 273 61.27 -7.38 -27.96
C HIS D 273 62.30 -8.48 -27.74
N PRO D 274 63.42 -8.17 -27.05
CA PRO D 274 64.49 -9.16 -26.86
C PRO D 274 64.05 -10.45 -26.17
N TRP D 275 63.02 -10.38 -25.32
CA TRP D 275 62.47 -11.56 -24.67
C TRP D 275 61.82 -12.52 -25.66
N ILE D 276 61.19 -11.99 -26.70
CA ILE D 276 60.58 -12.81 -27.75
C ILE D 276 61.60 -13.13 -28.85
N THR D 277 62.42 -12.14 -29.21
CA THR D 277 63.42 -12.28 -30.27
C THR D 277 64.80 -11.87 -29.76
N PRO D 278 65.50 -12.79 -29.09
CA PRO D 278 66.83 -12.51 -28.54
C PRO D 278 67.84 -12.08 -29.61
N VAL D 279 68.54 -10.97 -29.33
CA VAL D 279 69.51 -10.39 -30.28
C VAL D 279 70.90 -11.06 -30.19
N ASP D 280 71.35 -11.34 -28.96
CA ASP D 280 72.61 -12.05 -28.72
C ASP D 280 72.34 -13.37 -28.04
N ASN D 281 73.35 -14.21 -27.91
CA ASN D 281 73.19 -15.54 -27.29
C ASN D 281 73.12 -15.49 -25.76
N GLN D 282 73.53 -14.37 -25.16
CA GLN D 282 73.44 -14.17 -23.71
C GLN D 282 71.99 -13.99 -23.26
N GLN D 283 71.20 -13.29 -24.07
CA GLN D 283 69.77 -13.16 -23.84
C GLN D 283 69.07 -14.52 -23.93
N ALA D 284 69.49 -15.33 -24.91
CA ALA D 284 68.90 -16.66 -25.11
C ALA D 284 69.22 -17.62 -23.96
N MET D 285 70.37 -17.44 -23.31
CA MET D 285 70.74 -18.27 -22.16
C MET D 285 69.90 -17.91 -20.93
N VAL D 286 69.82 -16.61 -20.62
CA VAL D 286 68.98 -16.15 -19.52
C VAL D 286 67.55 -16.70 -19.65
N ARG D 287 67.00 -16.64 -20.86
CA ARG D 287 65.64 -17.10 -21.13
C ARG D 287 65.52 -18.64 -21.07
N ARG D 288 66.57 -19.34 -21.47
CA ARG D 288 66.60 -20.81 -21.45
C ARG D 288 66.70 -21.37 -20.03
N GLU D 289 67.29 -20.57 -19.13
CA GLU D 289 67.56 -20.97 -17.75
C GLU D 289 66.48 -20.51 -16.77
N SER D 290 65.80 -19.43 -17.11
CA SER D 290 64.69 -18.92 -16.28
C SER D 290 63.50 -19.84 -16.40
N VAL D 291 63.08 -20.43 -15.28
CA VAL D 291 61.95 -21.35 -15.25
C VAL D 291 60.68 -20.64 -14.79
N VAL D 292 59.54 -21.19 -15.20
CA VAL D 292 58.24 -20.79 -14.67
C VAL D 292 57.91 -21.74 -13.52
N ASN D 293 57.43 -21.17 -12.41
CA ASN D 293 57.03 -21.97 -11.25
C ASN D 293 55.62 -22.51 -11.48
N LEU D 294 55.53 -23.75 -11.97
CA LEU D 294 54.25 -24.37 -12.27
C LEU D 294 53.43 -24.53 -10.99
N GLU D 295 54.10 -24.85 -9.89
CA GLU D 295 53.48 -24.84 -8.56
C GLU D 295 52.47 -23.70 -8.40
N ASN D 296 52.93 -22.46 -8.56
CA ASN D 296 52.06 -21.28 -8.43
C ASN D 296 50.92 -21.31 -9.44
N PHE D 297 51.26 -21.65 -10.68
CA PHE D 297 50.32 -21.70 -11.79
C PHE D 297 49.33 -22.86 -11.66
N ARG D 298 49.86 -24.07 -11.50
CA ARG D 298 49.06 -25.30 -11.35
C ARG D 298 48.10 -25.18 -10.17
N LYS D 299 48.53 -24.49 -9.12
CA LYS D 299 47.70 -24.20 -7.95
C LYS D 299 46.62 -23.16 -8.26
N GLN D 300 46.99 -22.14 -9.03
CA GLN D 300 46.06 -21.06 -9.40
C GLN D 300 45.26 -21.32 -10.68
N TYR D 301 45.32 -22.55 -11.18
CA TYR D 301 44.50 -22.98 -12.32
C TYR D 301 43.33 -23.86 -11.88
N VAL D 302 43.61 -24.84 -11.00
CA VAL D 302 42.61 -25.85 -10.60
C VAL D 302 41.47 -25.25 -9.77
C1 IQU E . -37.32 24.64 12.01
C2 IQU E . -37.04 23.43 11.39
C3 IQU E . -37.55 23.11 10.13
C4 IQU E . -38.34 24.00 9.40
C5 IQU E . -38.68 25.24 9.94
C6 IQU E . -39.47 26.14 9.24
N7 IQU E . -39.79 27.33 9.77
C8 IQU E . -39.34 27.71 10.99
C9 IQU E . -38.54 26.88 11.77
C10 IQU E . -38.17 25.63 11.28
S IQU E . -36.71 24.94 13.47
O1 IQU E . -35.63 25.87 13.34
O2 IQU E . -37.72 25.48 14.32
N1' IQU E . -36.19 23.57 14.14
C2' IQU E . -34.80 23.15 14.09
C3' IQU E . -34.65 21.63 14.06
N4' IQU E . -33.27 21.22 14.15
C1 IQU F . -9.96 13.74 25.92
C2 IQU F . -11.00 13.12 26.59
C3 IQU F . -10.84 12.60 27.88
C4 IQU F . -9.62 12.71 28.56
C5 IQU F . -8.52 13.32 27.98
C6 IQU F . -7.31 13.42 28.64
N7 IQU F . -6.25 14.01 28.07
C8 IQU F . -6.33 14.53 26.83
C9 IQU F . -7.50 14.48 26.07
C10 IQU F . -8.63 13.88 26.60
S IQU F . -10.23 14.30 24.44
O1 IQU F . -10.52 15.71 24.53
O2 IQU F . -9.09 14.11 23.60
N1' IQU F . -11.45 13.46 23.79
C2' IQU F . -12.65 14.09 23.28
C3' IQU F . -13.77 13.07 23.09
N4' IQU F . -14.90 13.65 22.39
C1 IQU G . 11.76 -14.48 -8.97
C2 IQU G . 12.87 -13.86 -8.39
C3 IQU G . 12.86 -13.47 -7.05
C4 IQU G . 11.76 -13.66 -6.22
C5 IQU G . 10.61 -14.27 -6.70
C6 IQU G . 9.51 -14.47 -5.88
N7 IQU G . 8.41 -15.06 -6.37
C8 IQU G . 8.32 -15.48 -7.65
C9 IQU G . 9.37 -15.31 -8.55
C10 IQU G . 10.56 -14.71 -8.12
S IQU G . 11.83 -14.89 -10.51
O1 IQU G . 12.08 -16.30 -10.64
O2 IQU G . 10.60 -14.56 -11.16
N1' IQU G . 12.99 -14.05 -11.27
C2' IQU G . 14.32 -14.57 -11.50
C3' IQU G . 15.31 -13.45 -11.81
N4' IQU G . 16.60 -13.96 -12.24
C1 IQU H . 35.04 -23.88 -28.89
C2 IQU H . 34.76 -22.62 -29.45
C3 IQU H . 35.04 -22.34 -30.79
C4 IQU H . 35.60 -23.28 -31.64
C5 IQU H . 35.91 -24.56 -31.19
C6 IQU H . 36.47 -25.50 -32.04
N7 IQU H . 36.77 -26.73 -31.61
C8 IQU H . 36.54 -27.09 -30.33
C9 IQU H . 35.99 -26.21 -29.40
C10 IQU H . 35.64 -24.92 -29.78
S IQU H . 34.70 -24.13 -27.35
O1 IQU H . 33.45 -24.84 -27.26
O2 IQU H . 35.78 -24.88 -26.74
N1' IQU H . 34.61 -22.75 -26.54
C2' IQU H . 33.34 -22.19 -26.15
C3' IQU H . 33.52 -20.84 -25.47
N4' IQU H . 32.27 -20.33 -24.94
#